data_6UFO
#
_entry.id   6UFO
#
_cell.length_a   80.850
_cell.length_b   80.850
_cell.length_c   247.025
_cell.angle_alpha   90.000
_cell.angle_beta   90.000
_cell.angle_gamma   120.000
#
_symmetry.space_group_name_H-M   'P 31 2 1'
#
loop_
_entity.id
_entity.type
_entity.pdbx_description
1 polymer 'Polyamine deacetylase HDAC10'
2 non-polymer 7-[(3-aminopropyl)amino]-1-methoxyheptane-2,2-diol
3 non-polymer 'ZINC ION'
4 non-polymer 'PHOSPHATE ION'
5 non-polymer 'POTASSIUM ION'
6 water water
#
_entity_poly.entity_id   1
_entity_poly.type   'polypeptide(L)'
_entity_poly.pdbx_seq_one_letter_code
;AASGSALIFDEEMSRYKLLWTDPACEIEVPERLTVSYEALRTHGLAQRCKAVPVRQATEQEILLAHSEEYLEAVKQTPGM
NVEELMAFSKKYNDVYFHQNIYHCAKLAAGATLQLVDSVMKREVRNGMALVRPPGHHSQRSAANGFCVFNNVAFAALYAK
KNYNLNRILIVDWDVHHGQGIQYCFEEDPSVLYFSWHRYEHQSFWPNLPESDYSSVGKGKGSGFNINLPWNKVGMTNSDY
LAAFFHVLLPVAYEFDPELVIVSAGFDSAIGDPEGEMCALPEIFAHLTHLLMPLAAGKMCVVLEGGYNLTSLGQSVCQTV
HSLLGDPTPRISGLGTACDSALESIQNVRNVQSSYWSSFKHLAQSETNPKRPRLDATNGGPKESSEPASESNPKKTAQDI
VWPEPLKRMPASVRTVVVPPPGVELTLPKNCQHSGDISESTAKEVQRIRDKHFHDLTDQNILRSLGNIISVLDRMMRSDE
VCNGCVVVSDLSVSVQCALQHALTEPAERVLVVYVGDGELPVKTNDGKVFLVQICTKETEDKCVNRLTLCLREGESLTAG
FMQALLGLILPVAYEFNPALVLGIVEETAAKTRLMRVWGHMTCLIQGLARGRMLTLLQGYDKDLLELTVSALSGASISPL
GPLRAPKPEDVEMMEKQRQRLQERWGLLRCTVSESW
;
_entity_poly.pdbx_strand_id   A
#
loop_
_chem_comp.id
_chem_comp.type
_chem_comp.name
_chem_comp.formula
K non-polymer 'POTASSIUM ION' 'K 1'
PO4 non-polymer 'PHOSPHATE ION' 'O4 P -3'
Q6P non-polymer 7-[(3-aminopropyl)amino]-1-methoxyheptane-2,2-diol 'C11 H26 N2 O3'
ZN non-polymer 'ZINC ION' 'Zn 2'
#
# COMPACT_ATOMS: atom_id res chain seq x y z
N ALA A 1 10.15 -17.38 3.32
CA ALA A 1 11.44 -17.64 3.93
C ALA A 1 12.24 -16.35 4.09
N ALA A 2 11.90 -15.34 3.29
CA ALA A 2 12.57 -14.05 3.38
C ALA A 2 12.28 -13.40 4.73
N SER A 3 13.28 -12.66 5.25
CA SER A 3 13.26 -12.21 6.62
C SER A 3 13.02 -10.72 6.68
N GLY A 4 14.05 -9.89 6.70
CA GLY A 4 13.93 -8.49 7.04
C GLY A 4 13.86 -7.56 5.85
N SER A 5 14.31 -6.32 6.06
CA SER A 5 14.24 -5.28 5.05
C SER A 5 15.60 -4.64 4.89
N ALA A 6 16.00 -4.41 3.63
CA ALA A 6 17.30 -3.81 3.33
C ALA A 6 17.18 -2.30 3.20
N LEU A 7 18.16 -1.59 3.72
CA LEU A 7 18.26 -0.14 3.54
C LEU A 7 19.62 0.16 2.91
N ILE A 8 19.61 0.48 1.63
CA ILE A 8 20.82 0.74 0.87
C ILE A 8 21.05 2.25 0.86
N PHE A 9 22.23 2.68 1.33
CA PHE A 9 22.53 4.09 1.44
CA PHE A 9 22.54 4.09 1.48
C PHE A 9 24.05 4.26 1.51
N ASP A 10 24.51 5.44 1.09
CA ASP A 10 25.91 5.78 1.20
C ASP A 10 26.06 7.29 1.21
N GLU A 11 26.90 7.79 2.11
CA GLU A 11 27.14 9.23 2.25
C GLU A 11 27.75 9.83 0.99
N GLU A 12 28.43 9.02 0.17
CA GLU A 12 29.09 9.54 -1.03
C GLU A 12 28.09 10.19 -1.98
N MET A 13 26.87 9.66 -2.06
CA MET A 13 25.87 10.20 -2.97
C MET A 13 25.41 11.60 -2.59
N SER A 14 25.82 12.12 -1.44
CA SER A 14 25.51 13.49 -1.03
C SER A 14 26.68 14.44 -1.26
N ARG A 15 27.71 14.00 -1.99
CA ARG A 15 28.91 14.80 -2.21
C ARG A 15 28.93 15.42 -3.61
N TYR A 16 27.78 15.83 -4.11
CA TYR A 16 27.66 16.65 -5.30
C TYR A 16 26.51 17.62 -5.08
N LYS A 17 26.64 18.82 -5.63
CA LYS A 17 25.65 19.86 -5.39
C LYS A 17 25.70 20.88 -6.51
N LEU A 18 24.66 21.72 -6.55
CA LEU A 18 24.59 22.79 -7.53
C LEU A 18 25.63 23.87 -7.23
N LEU A 19 26.32 24.32 -8.28
CA LEU A 19 27.46 25.22 -8.12
C LEU A 19 27.23 26.60 -8.72
N TRP A 20 26.07 26.84 -9.36
CA TRP A 20 25.73 28.15 -9.88
C TRP A 20 24.29 28.48 -9.50
N THR A 21 23.90 29.73 -9.74
CA THR A 21 22.55 30.17 -9.41
C THR A 21 21.57 29.65 -10.46
N ASP A 22 20.60 28.86 -10.03
CA ASP A 22 19.57 28.33 -10.91
C ASP A 22 18.31 28.14 -10.07
N PRO A 23 17.35 29.06 -10.17
CA PRO A 23 16.16 28.97 -9.31
C PRO A 23 15.36 27.69 -9.49
N ALA A 24 15.46 27.04 -10.65
CA ALA A 24 14.74 25.80 -10.90
C ALA A 24 15.44 24.57 -10.34
N CYS A 25 16.70 24.69 -9.91
CA CYS A 25 17.47 23.55 -9.44
C CYS A 25 17.95 23.66 -8.00
N GLU A 26 17.85 24.82 -7.37
CA GLU A 26 18.43 24.99 -6.04
C GLU A 26 17.69 24.22 -4.96
N ILE A 27 16.55 23.61 -5.28
CA ILE A 27 15.84 22.82 -4.27
C ILE A 27 16.39 21.40 -4.14
N GLU A 28 17.18 20.94 -5.11
CA GLU A 28 17.76 19.61 -5.07
C GLU A 28 19.08 19.69 -4.33
N VAL A 29 19.03 19.48 -3.02
CA VAL A 29 20.19 19.66 -2.15
C VAL A 29 20.69 18.30 -1.67
N PRO A 30 21.97 18.19 -1.29
CA PRO A 30 22.44 16.93 -0.68
C PRO A 30 21.82 16.65 0.67
N GLU A 31 21.25 17.65 1.34
CA GLU A 31 20.69 17.44 2.66
C GLU A 31 19.44 16.57 2.64
N ARG A 32 18.83 16.38 1.47
CA ARG A 32 17.70 15.46 1.36
C ARG A 32 18.13 14.04 1.76
N LEU A 33 19.34 13.65 1.38
CA LEU A 33 19.85 12.34 1.75
C LEU A 33 20.30 12.30 3.21
N THR A 34 20.86 13.41 3.70
CA THR A 34 21.35 13.44 5.08
C THR A 34 20.18 13.43 6.07
N VAL A 35 19.16 14.24 5.82
CA VAL A 35 18.02 14.31 6.72
C VAL A 35 17.24 13.00 6.70
N SER A 36 17.14 12.36 5.53
CA SER A 36 16.37 11.12 5.42
C SER A 36 17.01 10.00 6.24
N TYR A 37 18.32 9.80 6.10
CA TYR A 37 18.98 8.75 6.86
C TYR A 37 19.06 9.08 8.34
N GLU A 38 19.31 10.35 8.66
CA GLU A 38 19.38 10.75 10.07
C GLU A 38 18.03 10.60 10.76
N ALA A 39 16.93 10.77 10.03
CA ALA A 39 15.62 10.56 10.62
C ALA A 39 15.35 9.09 10.88
N LEU A 40 15.86 8.20 10.02
CA LEU A 40 15.70 6.77 10.25
C LEU A 40 16.50 6.31 11.47
N ARG A 41 17.67 6.91 11.69
CA ARG A 41 18.47 6.56 12.87
C ARG A 41 17.82 7.07 14.15
N THR A 42 17.19 8.25 14.09
CA THR A 42 16.53 8.81 15.26
C THR A 42 15.39 7.91 15.71
N HIS A 43 14.61 7.38 14.77
CA HIS A 43 13.48 6.52 15.08
C HIS A 43 13.87 5.06 15.25
N GLY A 44 15.17 4.75 15.20
CA GLY A 44 15.66 3.40 15.40
C GLY A 44 15.32 2.41 14.31
N LEU A 45 14.95 2.86 13.11
CA LEU A 45 14.56 1.92 12.05
C LEU A 45 15.74 1.57 11.14
N ALA A 46 16.70 2.48 11.00
CA ALA A 46 17.92 2.15 10.27
C ALA A 46 18.65 0.97 10.91
N GLN A 47 18.76 0.98 12.24
CA GLN A 47 19.40 -0.12 12.96
C GLN A 47 18.62 -1.43 12.81
N ARG A 48 17.33 -1.36 12.48
CA ARG A 48 16.51 -2.54 12.28
C ARG A 48 16.55 -3.07 10.86
N CYS A 49 17.28 -2.42 9.96
CA CYS A 49 17.37 -2.80 8.57
C CYS A 49 18.77 -3.32 8.23
N LYS A 50 18.82 -4.27 7.31
CA LYS A 50 20.08 -4.83 6.84
C LYS A 50 20.75 -3.87 5.86
N ALA A 51 21.93 -3.36 6.24
CA ALA A 51 22.62 -2.34 5.46
C ALA A 51 23.39 -3.00 4.33
N VAL A 52 22.71 -3.20 3.20
CA VAL A 52 23.37 -3.78 2.02
C VAL A 52 24.26 -2.70 1.38
N PRO A 53 25.52 -3.00 1.09
CA PRO A 53 26.41 -1.98 0.53
C PRO A 53 26.00 -1.59 -0.89
N VAL A 54 26.45 -0.40 -1.29
CA VAL A 54 26.19 0.11 -2.63
C VAL A 54 27.33 -0.27 -3.55
N ARG A 55 27.06 -0.31 -4.86
CA ARG A 55 28.08 -0.59 -5.85
C ARG A 55 27.85 0.30 -7.06
N GLN A 56 28.81 0.30 -7.98
CA GLN A 56 28.67 1.03 -9.22
C GLN A 56 27.98 0.15 -10.25
N ALA A 57 27.02 0.71 -10.97
CA ALA A 57 26.44 0.01 -12.10
C ALA A 57 27.44 -0.01 -13.24
N THR A 58 27.65 -1.20 -13.81
CA THR A 58 28.62 -1.35 -14.88
C THR A 58 28.14 -0.67 -16.15
N GLU A 59 29.07 -0.49 -17.10
CA GLU A 59 28.71 0.09 -18.38
C GLU A 59 27.66 -0.75 -19.10
N GLN A 60 27.81 -2.07 -19.04
CA GLN A 60 26.83 -2.96 -19.66
C GLN A 60 25.44 -2.78 -19.06
N GLU A 61 25.36 -2.50 -17.77
CA GLU A 61 24.06 -2.32 -17.12
C GLU A 61 23.44 -0.97 -17.47
N ILE A 62 24.27 0.08 -17.62
CA ILE A 62 23.74 1.39 -17.98
C ILE A 62 23.14 1.36 -19.38
N LEU A 63 23.77 0.61 -20.29
CA LEU A 63 23.28 0.52 -21.66
C LEU A 63 21.95 -0.22 -21.78
N LEU A 64 21.45 -0.81 -20.69
CA LEU A 64 20.13 -1.43 -20.73
C LEU A 64 19.04 -0.42 -21.05
N ALA A 65 19.21 0.83 -20.60
CA ALA A 65 18.21 1.86 -20.79
C ALA A 65 18.75 3.16 -21.38
N HIS A 66 20.05 3.21 -21.70
CA HIS A 66 20.64 4.43 -22.23
C HIS A 66 21.54 4.09 -23.42
N SER A 67 21.76 5.08 -24.26
CA SER A 67 22.56 4.91 -25.47
C SER A 67 24.04 5.16 -25.19
N GLU A 68 24.89 4.63 -26.07
CA GLU A 68 26.33 4.80 -25.92
C GLU A 68 26.74 6.26 -26.07
N GLU A 69 26.06 7.00 -26.93
CA GLU A 69 26.42 8.41 -27.14
C GLU A 69 26.16 9.23 -25.88
N TYR A 70 25.02 8.98 -25.22
CA TYR A 70 24.70 9.73 -24.01
C TYR A 70 25.62 9.35 -22.85
N LEU A 71 25.91 8.05 -22.71
CA LEU A 71 26.82 7.61 -21.66
C LEU A 71 28.23 8.18 -21.87
N GLU A 72 28.70 8.18 -23.12
CA GLU A 72 30.02 8.74 -23.41
C GLU A 72 30.08 10.23 -23.10
N ALA A 73 28.97 10.95 -23.30
CA ALA A 73 28.97 12.38 -23.02
C ALA A 73 29.01 12.66 -21.52
N VAL A 74 28.28 11.87 -20.74
CA VAL A 74 28.28 12.06 -19.29
C VAL A 74 29.61 11.60 -18.70
N LYS A 75 30.27 10.63 -19.33
CA LYS A 75 31.51 10.08 -18.81
C LYS A 75 32.63 11.12 -18.75
N GLN A 76 32.54 12.20 -19.52
CA GLN A 76 33.57 13.23 -19.56
C GLN A 76 33.28 14.40 -18.63
N THR A 77 32.18 14.37 -17.90
CA THR A 77 31.84 15.44 -16.97
C THR A 77 32.80 15.51 -15.77
N PRO A 78 33.33 14.40 -15.25
CA PRO A 78 34.31 14.52 -14.15
C PRO A 78 35.55 15.32 -14.50
N GLY A 79 35.90 15.43 -15.79
CA GLY A 79 37.03 16.22 -16.21
C GLY A 79 36.74 17.65 -16.56
N MET A 80 35.49 18.09 -16.42
CA MET A 80 35.08 19.43 -16.82
C MET A 80 35.12 20.37 -15.62
N ASN A 81 35.43 21.64 -15.89
CA ASN A 81 35.42 22.68 -14.87
C ASN A 81 34.00 23.23 -14.73
N VAL A 82 33.83 24.28 -13.93
CA VAL A 82 32.50 24.80 -13.64
C VAL A 82 31.88 25.39 -14.91
N GLU A 83 32.64 26.19 -15.65
CA GLU A 83 32.11 26.81 -16.86
C GLU A 83 31.68 25.76 -17.87
N GLU A 84 32.48 24.70 -18.04
CA GLU A 84 32.09 23.64 -18.95
C GLU A 84 30.89 22.85 -18.44
N LEU A 85 30.74 22.74 -17.12
CA LEU A 85 29.58 22.06 -16.57
C LEU A 85 28.30 22.87 -16.78
N MET A 86 28.41 24.20 -16.75
CA MET A 86 27.26 25.05 -17.05
C MET A 86 26.79 24.85 -18.49
N ALA A 87 27.72 24.85 -19.44
CA ALA A 87 27.36 24.67 -20.84
C ALA A 87 26.76 23.30 -21.10
N PHE A 88 27.23 22.27 -20.39
CA PHE A 88 26.68 20.93 -20.58
C PHE A 88 25.29 20.81 -19.96
N SER A 89 25.02 21.55 -18.88
CA SER A 89 23.72 21.47 -18.24
C SER A 89 22.66 22.21 -19.02
N LYS A 90 23.05 23.26 -19.77
CA LYS A 90 22.08 24.02 -20.55
C LYS A 90 21.49 23.21 -21.70
N LYS A 91 22.17 22.14 -22.13
CA LYS A 91 21.68 21.28 -23.20
C LYS A 91 20.47 20.45 -22.78
N TYR A 92 20.13 20.42 -21.50
CA TYR A 92 19.03 19.62 -21.00
C TYR A 92 18.10 20.49 -20.17
N ASN A 93 16.95 19.93 -19.80
CA ASN A 93 15.89 20.69 -19.15
C ASN A 93 15.93 20.43 -17.64
N ASP A 94 16.23 21.48 -16.87
CA ASP A 94 16.17 21.47 -15.41
C ASP A 94 17.04 20.38 -14.80
N VAL A 95 18.33 20.47 -15.09
CA VAL A 95 19.32 19.55 -14.53
C VAL A 95 20.66 20.26 -14.47
N TYR A 96 21.43 19.95 -13.43
CA TYR A 96 22.77 20.48 -13.26
C TYR A 96 23.75 19.33 -13.10
N PHE A 97 24.98 19.54 -13.52
CA PHE A 97 26.02 18.53 -13.46
C PHE A 97 27.14 18.99 -12.53
N HIS A 98 27.80 18.01 -11.91
CA HIS A 98 28.85 18.24 -10.94
C HIS A 98 30.02 17.33 -11.26
N GLN A 99 31.20 17.67 -10.72
CA GLN A 99 32.38 16.84 -10.97
CA GLN A 99 32.37 16.84 -10.97
C GLN A 99 32.17 15.41 -10.48
N ASN A 100 31.35 15.23 -9.44
CA ASN A 100 31.12 13.93 -8.84
C ASN A 100 29.77 13.32 -9.20
N ILE A 101 28.99 13.97 -10.08
CA ILE A 101 27.62 13.51 -10.30
C ILE A 101 27.61 12.22 -11.12
N TYR A 102 28.55 12.06 -12.06
CA TYR A 102 28.62 10.81 -12.81
C TYR A 102 28.96 9.65 -11.89
N HIS A 103 29.86 9.88 -10.92
CA HIS A 103 30.18 8.86 -9.92
C HIS A 103 28.94 8.51 -9.10
N CYS A 104 28.26 9.52 -8.56
CA CYS A 104 27.07 9.27 -7.75
C CYS A 104 25.95 8.64 -8.56
N ALA A 105 25.83 9.01 -9.84
CA ALA A 105 24.77 8.42 -10.67
C ALA A 105 24.97 6.92 -10.83
N LYS A 106 26.21 6.48 -11.02
CA LYS A 106 26.47 5.04 -11.08
C LYS A 106 26.24 4.36 -9.74
N LEU A 107 26.44 5.09 -8.64
CA LEU A 107 26.11 4.54 -7.32
C LEU A 107 24.62 4.45 -7.12
N ALA A 108 23.88 5.49 -7.49
CA ALA A 108 22.43 5.46 -7.39
C ALA A 108 21.84 4.34 -8.26
N ALA A 109 22.44 4.12 -9.43
CA ALA A 109 22.00 3.02 -10.28
C ALA A 109 22.39 1.67 -9.68
N GLY A 110 23.63 1.55 -9.21
CA GLY A 110 24.07 0.29 -8.62
C GLY A 110 23.38 -0.02 -7.32
N ALA A 111 23.07 1.01 -6.52
CA ALA A 111 22.33 0.79 -5.28
C ALA A 111 20.96 0.18 -5.55
N THR A 112 20.29 0.65 -6.61
CA THR A 112 19.00 0.07 -6.97
C THR A 112 19.13 -1.39 -7.36
N LEU A 113 20.17 -1.72 -8.12
CA LEU A 113 20.38 -3.12 -8.51
C LEU A 113 20.72 -3.99 -7.32
N GLN A 114 21.46 -3.44 -6.35
CA GLN A 114 21.75 -4.18 -5.12
C GLN A 114 20.47 -4.50 -4.37
N LEU A 115 19.51 -3.57 -4.37
CA LEU A 115 18.23 -3.82 -3.72
C LEU A 115 17.43 -4.88 -4.47
N VAL A 116 17.45 -4.83 -5.80
CA VAL A 116 16.73 -5.82 -6.60
C VAL A 116 17.32 -7.20 -6.37
N ASP A 117 18.66 -7.30 -6.32
CA ASP A 117 19.28 -8.59 -6.10
C ASP A 117 18.98 -9.14 -4.71
N SER A 118 19.01 -8.28 -3.70
CA SER A 118 18.74 -8.74 -2.34
C SER A 118 17.31 -9.26 -2.21
N VAL A 119 16.37 -8.63 -2.91
CA VAL A 119 14.97 -9.03 -2.82
C VAL A 119 14.72 -10.30 -3.62
N MET A 120 15.27 -10.39 -4.83
CA MET A 120 15.02 -11.55 -5.68
C MET A 120 15.80 -12.78 -5.24
N LYS A 121 16.89 -12.62 -4.50
CA LYS A 121 17.65 -13.74 -3.95
C LYS A 121 17.09 -14.21 -2.61
N ARG A 122 15.94 -13.68 -2.19
CA ARG A 122 15.29 -14.00 -0.93
C ARG A 122 16.16 -13.67 0.29
N GLU A 123 17.20 -12.84 0.10
CA GLU A 123 18.01 -12.41 1.23
C GLU A 123 17.24 -11.46 2.13
N VAL A 124 16.30 -10.70 1.55
CA VAL A 124 15.39 -9.85 2.32
C VAL A 124 14.01 -9.98 1.69
N ARG A 125 12.98 -9.58 2.47
CA ARG A 125 11.62 -9.61 1.95
C ARG A 125 11.33 -8.39 1.09
N ASN A 126 11.87 -7.25 1.48
CA ASN A 126 11.69 -5.99 0.76
C ASN A 126 12.87 -5.09 1.12
N GLY A 127 12.80 -3.83 0.71
CA GLY A 127 13.85 -2.90 1.06
C GLY A 127 13.65 -1.55 0.41
N MET A 128 14.50 -0.61 0.80
CA MET A 128 14.47 0.76 0.29
C MET A 128 15.88 1.24 0.05
N ALA A 129 16.06 2.03 -1.01
CA ALA A 129 17.36 2.61 -1.35
C ALA A 129 17.25 4.13 -1.32
N LEU A 130 18.00 4.76 -0.43
CA LEU A 130 18.06 6.22 -0.34
C LEU A 130 19.16 6.69 -1.27
N VAL A 131 18.80 6.92 -2.53
CA VAL A 131 19.77 7.22 -3.58
C VAL A 131 19.63 8.67 -4.00
N ARG A 132 20.62 9.14 -4.77
CA ARG A 132 20.68 10.47 -5.33
C ARG A 132 21.81 10.50 -6.36
N PRO A 133 21.61 11.05 -7.56
CA PRO A 133 20.42 11.74 -8.09
C PRO A 133 19.24 10.81 -8.36
N PRO A 134 18.04 11.38 -8.50
CA PRO A 134 16.88 10.57 -8.89
C PRO A 134 16.96 10.12 -10.34
N GLY A 135 15.92 9.44 -10.83
CA GLY A 135 16.05 8.84 -12.15
C GLY A 135 14.84 8.84 -13.07
N HIS A 136 13.62 8.92 -12.52
CA HIS A 136 12.45 8.59 -13.33
C HIS A 136 12.20 9.58 -14.47
N HIS A 137 12.91 10.71 -14.50
CA HIS A 137 12.82 11.63 -15.63
C HIS A 137 13.86 11.35 -16.70
N SER A 138 14.89 10.56 -16.40
CA SER A 138 15.97 10.33 -17.35
C SER A 138 15.47 9.51 -18.54
N GLN A 139 15.92 9.89 -19.73
CA GLN A 139 15.54 9.24 -20.97
C GLN A 139 16.75 8.55 -21.59
N ARG A 140 16.54 7.99 -22.78
N ARG A 140 16.53 7.96 -22.77
CA ARG A 140 17.58 7.15 -23.39
CA ARG A 140 17.57 7.15 -23.40
C ARG A 140 18.82 7.94 -23.75
C ARG A 140 18.83 7.97 -23.69
N SER A 141 18.65 9.20 -24.19
CA SER A 141 19.79 10.02 -24.62
C SER A 141 19.68 11.43 -24.07
N ALA A 142 19.17 11.58 -22.84
CA ALA A 142 19.06 12.92 -22.28
C ALA A 142 18.90 12.85 -20.77
N ALA A 143 19.51 13.80 -20.07
CA ALA A 143 19.23 14.06 -18.67
C ALA A 143 18.05 15.00 -18.56
N ASN A 144 17.30 14.88 -17.46
CA ASN A 144 16.06 15.64 -17.33
C ASN A 144 15.63 15.65 -15.87
N GLY A 145 15.18 16.81 -15.40
CA GLY A 145 14.61 16.97 -14.08
C GLY A 145 15.42 16.36 -12.95
N PHE A 146 16.67 16.81 -12.80
CA PHE A 146 17.62 16.36 -11.78
C PHE A 146 18.05 14.92 -11.96
N CYS A 147 17.63 14.26 -13.03
CA CYS A 147 17.91 12.84 -13.24
C CYS A 147 18.97 12.66 -14.32
N VAL A 148 19.93 11.78 -14.05
CA VAL A 148 21.00 11.48 -15.00
C VAL A 148 20.73 10.12 -15.62
N PHE A 149 20.58 9.09 -14.78
CA PHE A 149 20.27 7.74 -15.22
C PHE A 149 18.98 7.29 -14.57
N ASN A 150 18.17 6.55 -15.32
CA ASN A 150 16.86 6.10 -14.85
C ASN A 150 17.05 4.89 -13.94
N ASN A 151 17.08 5.13 -12.63
CA ASN A 151 17.34 4.05 -11.68
C ASN A 151 16.25 2.99 -11.71
N VAL A 152 14.99 3.41 -11.69
CA VAL A 152 13.89 2.46 -11.65
C VAL A 152 13.78 1.69 -12.96
N ALA A 153 14.05 2.35 -14.08
CA ALA A 153 14.05 1.64 -15.37
C ALA A 153 15.14 0.58 -15.41
N PHE A 154 16.29 0.87 -14.81
CA PHE A 154 17.34 -0.15 -14.68
C PHE A 154 16.82 -1.37 -13.93
N ALA A 155 16.16 -1.13 -12.79
CA ALA A 155 15.72 -2.22 -11.93
C ALA A 155 14.78 -3.18 -12.66
N ALA A 156 13.86 -2.63 -13.44
CA ALA A 156 12.92 -3.48 -14.17
C ALA A 156 13.62 -4.26 -15.28
N LEU A 157 14.46 -3.59 -16.06
CA LEU A 157 15.20 -4.27 -17.12
C LEU A 157 16.20 -5.26 -16.55
N TYR A 158 16.83 -4.90 -15.42
CA TYR A 158 17.78 -5.80 -14.76
C TYR A 158 17.09 -7.05 -14.23
N ALA A 159 15.90 -6.89 -13.64
CA ALA A 159 15.17 -8.03 -13.11
C ALA A 159 14.64 -8.92 -14.22
N LYS A 160 14.37 -8.36 -15.39
CA LYS A 160 13.88 -9.16 -16.51
C LYS A 160 14.97 -10.08 -17.05
N LYS A 161 16.18 -9.54 -17.24
CA LYS A 161 17.25 -10.32 -17.86
C LYS A 161 17.79 -11.38 -16.91
N ASN A 162 18.15 -10.98 -15.70
CA ASN A 162 18.84 -11.87 -14.77
C ASN A 162 17.92 -12.75 -13.94
N TYR A 163 16.60 -12.57 -14.05
CA TYR A 163 15.68 -13.41 -13.29
C TYR A 163 14.50 -13.92 -14.12
N ASN A 164 14.41 -13.56 -15.40
CA ASN A 164 13.38 -14.08 -16.31
C ASN A 164 11.98 -13.81 -15.77
N LEU A 165 11.72 -12.53 -15.51
CA LEU A 165 10.43 -12.09 -14.98
C LEU A 165 9.50 -11.68 -16.12
N ASN A 166 8.24 -12.06 -16.01
CA ASN A 166 7.24 -11.77 -17.02
C ASN A 166 6.39 -10.55 -16.70
N ARG A 167 6.22 -10.22 -15.42
CA ARG A 167 5.32 -9.14 -15.02
C ARG A 167 5.96 -8.35 -13.88
N ILE A 168 6.16 -7.06 -14.09
CA ILE A 168 6.76 -6.17 -13.10
C ILE A 168 5.90 -4.92 -13.00
N LEU A 169 5.52 -4.56 -11.77
CA LEU A 169 4.72 -3.38 -11.51
C LEU A 169 5.62 -2.24 -11.03
N ILE A 170 5.46 -1.08 -11.64
CA ILE A 170 6.17 0.13 -11.22
C ILE A 170 5.13 1.15 -10.76
N VAL A 171 5.23 1.55 -9.49
CA VAL A 171 4.31 2.52 -8.89
C VAL A 171 5.09 3.81 -8.65
N ASP A 172 4.70 4.86 -9.35
CA ASP A 172 5.37 6.16 -9.29
C ASP A 172 4.43 7.14 -8.57
N TRP A 173 4.60 7.26 -7.25
CA TRP A 173 3.81 8.22 -6.49
C TRP A 173 4.53 9.54 -6.27
N ASP A 174 5.63 9.76 -6.96
CA ASP A 174 6.25 11.08 -7.01
C ASP A 174 5.25 12.08 -7.60
N VAL A 175 5.40 13.36 -7.23
CA VAL A 175 4.45 14.36 -7.69
C VAL A 175 4.66 14.74 -9.15
N HIS A 176 5.79 14.38 -9.74
CA HIS A 176 6.05 14.62 -11.15
C HIS A 176 5.83 13.34 -11.95
N HIS A 177 5.51 13.52 -13.23
CA HIS A 177 5.30 12.38 -14.12
C HIS A 177 6.66 11.83 -14.55
N GLY A 178 6.89 10.54 -14.28
CA GLY A 178 8.12 9.91 -14.71
C GLY A 178 8.09 9.53 -16.18
N GLN A 179 8.17 10.53 -17.05
CA GLN A 179 8.08 10.27 -18.48
C GLN A 179 9.23 9.42 -19.00
N GLY A 180 10.37 9.43 -18.30
CA GLY A 180 11.47 8.56 -18.71
C GLY A 180 11.13 7.10 -18.58
N ILE A 181 10.38 6.73 -17.55
CA ILE A 181 9.95 5.34 -17.40
C ILE A 181 8.88 5.00 -18.43
N GLN A 182 7.97 5.94 -18.69
CA GLN A 182 6.91 5.70 -19.67
C GLN A 182 7.48 5.48 -21.06
N TYR A 183 8.44 6.32 -21.46
CA TYR A 183 9.08 6.13 -22.77
C TYR A 183 9.81 4.80 -22.85
N CYS A 184 10.37 4.33 -21.72
CA CYS A 184 11.18 3.12 -21.74
C CYS A 184 10.33 1.88 -21.96
N PHE A 185 9.14 1.82 -21.34
CA PHE A 185 8.27 0.65 -21.41
C PHE A 185 6.97 0.98 -22.13
N GLU A 186 7.02 1.89 -23.09
CA GLU A 186 5.80 2.31 -23.79
C GLU A 186 5.17 1.15 -24.55
N GLU A 187 5.99 0.27 -25.12
CA GLU A 187 5.51 -0.87 -25.89
C GLU A 187 5.69 -2.20 -25.16
N ASP A 188 6.00 -2.17 -23.87
CA ASP A 188 6.32 -3.38 -23.13
C ASP A 188 5.16 -3.78 -22.23
N PRO A 189 4.42 -4.84 -22.55
CA PRO A 189 3.34 -5.30 -21.66
C PRO A 189 3.84 -6.03 -20.42
N SER A 190 5.14 -6.26 -20.30
CA SER A 190 5.68 -6.95 -19.14
C SER A 190 5.94 -6.01 -17.97
N VAL A 191 6.00 -4.70 -18.22
CA VAL A 191 6.25 -3.72 -17.17
C VAL A 191 5.04 -2.78 -17.14
N LEU A 192 4.20 -2.94 -16.13
CA LEU A 192 3.03 -2.10 -15.95
C LEU A 192 3.41 -0.86 -15.15
N TYR A 193 3.27 0.31 -15.76
CA TYR A 193 3.68 1.57 -15.15
C TYR A 193 2.45 2.37 -14.74
N PHE A 194 2.36 2.71 -13.46
CA PHE A 194 1.34 3.61 -12.94
C PHE A 194 2.02 4.86 -12.39
N SER A 195 1.40 6.02 -12.63
CA SER A 195 1.94 7.28 -12.14
C SER A 195 0.83 8.29 -11.98
N TRP A 196 0.68 8.83 -10.78
CA TRP A 196 -0.08 10.06 -10.59
C TRP A 196 0.89 11.22 -10.51
N HIS A 197 0.42 12.41 -10.86
CA HIS A 197 1.32 13.55 -10.94
C HIS A 197 0.53 14.84 -11.04
N ARG A 198 1.12 15.91 -10.55
CA ARG A 198 0.55 17.24 -10.73
C ARG A 198 0.62 17.62 -12.20
N TYR A 199 -0.54 17.82 -12.82
CA TYR A 199 -0.64 18.11 -14.25
C TYR A 199 -1.18 19.51 -14.52
N GLU A 200 -2.29 19.88 -13.89
CA GLU A 200 -2.90 21.20 -14.04
C GLU A 200 -3.15 21.52 -15.52
N HIS A 201 -3.72 20.55 -16.23
CA HIS A 201 -4.05 20.69 -17.65
C HIS A 201 -2.82 21.07 -18.47
N GLN A 202 -1.74 20.31 -18.28
CA GLN A 202 -0.47 20.44 -18.98
C GLN A 202 0.28 21.72 -18.62
N SER A 203 -0.21 22.52 -17.68
CA SER A 203 0.49 23.75 -17.32
C SER A 203 1.65 23.52 -16.36
N PHE A 204 1.80 22.31 -15.82
CA PHE A 204 2.85 22.02 -14.87
C PHE A 204 3.96 21.19 -15.53
N TRP A 205 5.18 21.38 -15.04
CA TRP A 205 6.34 20.70 -15.60
C TRP A 205 6.17 19.18 -15.49
N PRO A 206 6.59 18.40 -16.49
CA PRO A 206 7.30 18.82 -17.73
C PRO A 206 6.41 19.23 -18.91
N ASN A 207 5.13 19.50 -18.66
CA ASN A 207 4.21 20.04 -19.68
C ASN A 207 4.17 19.13 -20.91
N LEU A 208 3.77 17.88 -20.69
CA LEU A 208 3.74 16.90 -21.76
C LEU A 208 2.32 16.48 -22.06
N PRO A 209 1.90 16.51 -23.33
CA PRO A 209 0.57 15.98 -23.67
C PRO A 209 0.41 14.51 -23.34
N GLU A 210 1.47 13.71 -23.49
CA GLU A 210 1.40 12.28 -23.20
C GLU A 210 1.42 11.97 -21.72
N SER A 211 1.48 12.98 -20.85
CA SER A 211 1.34 12.77 -19.42
C SER A 211 -0.11 12.64 -18.99
N ASP A 212 -1.06 12.76 -19.92
CA ASP A 212 -2.47 12.73 -19.58
C ASP A 212 -2.99 11.30 -19.55
N TYR A 213 -4.25 11.14 -19.16
CA TYR A 213 -4.85 9.82 -19.01
C TYR A 213 -4.98 9.08 -20.33
N SER A 214 -4.91 9.79 -21.47
CA SER A 214 -5.13 9.15 -22.76
C SER A 214 -3.96 8.26 -23.19
N SER A 215 -2.77 8.49 -22.64
CA SER A 215 -1.60 7.67 -22.98
C SER A 215 -1.69 6.37 -22.21
N VAL A 216 -2.15 5.31 -22.88
CA VAL A 216 -2.33 4.00 -22.26
C VAL A 216 -1.29 3.00 -22.74
N GLY A 217 -0.33 3.45 -23.55
CA GLY A 217 0.67 2.58 -24.14
C GLY A 217 0.57 2.57 -25.65
N LYS A 218 1.45 1.78 -26.26
CA LYS A 218 1.51 1.67 -27.71
C LYS A 218 1.71 0.22 -28.12
N GLY A 219 1.05 -0.18 -29.20
CA GLY A 219 1.26 -1.50 -29.77
C GLY A 219 0.87 -2.61 -28.81
N LYS A 220 1.78 -3.56 -28.63
CA LYS A 220 1.52 -4.69 -27.73
C LYS A 220 1.42 -4.25 -26.27
N GLY A 221 1.90 -3.07 -25.93
CA GLY A 221 1.91 -2.58 -24.57
C GLY A 221 0.79 -1.63 -24.20
N SER A 222 -0.18 -1.41 -25.09
CA SER A 222 -1.29 -0.52 -24.78
C SER A 222 -2.15 -1.13 -23.67
N GLY A 223 -2.50 -0.32 -22.69
CA GLY A 223 -3.20 -0.78 -21.50
C GLY A 223 -2.29 -1.06 -20.32
N PHE A 224 -0.97 -0.98 -20.51
CA PHE A 224 -0.01 -1.21 -19.43
C PHE A 224 0.70 0.08 -19.03
N ASN A 225 0.17 1.23 -19.42
CA ASN A 225 0.63 2.53 -18.96
C ASN A 225 -0.58 3.29 -18.45
N ILE A 226 -0.53 3.73 -17.19
CA ILE A 226 -1.66 4.36 -16.53
C ILE A 226 -1.20 5.69 -15.95
N ASN A 227 -1.68 6.79 -16.53
CA ASN A 227 -1.40 8.13 -16.04
C ASN A 227 -2.64 8.67 -15.34
N LEU A 228 -2.46 9.21 -14.14
CA LEU A 228 -3.55 9.82 -13.38
C LEU A 228 -3.19 11.27 -13.09
N PRO A 229 -3.67 12.22 -13.89
CA PRO A 229 -3.27 13.61 -13.71
C PRO A 229 -4.05 14.30 -12.60
N TRP A 230 -3.33 15.07 -11.79
CA TRP A 230 -3.94 15.97 -10.81
C TRP A 230 -4.06 17.34 -11.47
N ASN A 231 -5.29 17.81 -11.68
CA ASN A 231 -5.52 19.08 -12.36
C ASN A 231 -5.69 20.23 -11.39
N LYS A 232 -5.60 19.99 -10.09
CA LYS A 232 -5.60 21.03 -9.08
C LYS A 232 -4.68 20.63 -7.95
N VAL A 233 -4.11 21.62 -7.27
CA VAL A 233 -3.21 21.36 -6.15
C VAL A 233 -4.03 21.06 -4.92
N GLY A 234 -3.36 20.76 -3.80
CA GLY A 234 -4.05 20.52 -2.55
C GLY A 234 -4.76 19.18 -2.47
N MET A 235 -4.29 18.17 -3.20
CA MET A 235 -4.87 16.85 -3.11
C MET A 235 -4.61 16.26 -1.73
N THR A 236 -5.64 15.66 -1.15
CA THR A 236 -5.62 15.21 0.24
C THR A 236 -5.40 13.70 0.32
N ASN A 237 -5.46 13.16 1.54
CA ASN A 237 -5.35 11.72 1.72
C ASN A 237 -6.51 11.00 1.05
N SER A 238 -7.70 11.59 1.06
CA SER A 238 -8.85 10.98 0.41
C SER A 238 -8.63 10.86 -1.10
N ASP A 239 -7.97 11.85 -1.70
CA ASP A 239 -7.67 11.77 -3.12
C ASP A 239 -6.66 10.66 -3.42
N TYR A 240 -5.63 10.53 -2.58
CA TYR A 240 -4.62 9.50 -2.80
C TYR A 240 -5.20 8.11 -2.61
N LEU A 241 -6.04 7.93 -1.59
CA LEU A 241 -6.62 6.60 -1.35
C LEU A 241 -7.68 6.25 -2.37
N ALA A 242 -8.44 7.23 -2.86
CA ALA A 242 -9.39 6.97 -3.93
C ALA A 242 -8.68 6.55 -5.21
N ALA A 243 -7.49 7.10 -5.47
CA ALA A 243 -6.70 6.68 -6.61
C ALA A 243 -6.27 5.23 -6.48
N PHE A 244 -5.95 4.79 -5.26
CA PHE A 244 -5.51 3.42 -5.06
C PHE A 244 -6.68 2.45 -5.14
N PHE A 245 -7.78 2.76 -4.44
CA PHE A 245 -8.90 1.81 -4.36
C PHE A 245 -9.59 1.63 -5.71
N HIS A 246 -9.68 2.70 -6.50
CA HIS A 246 -10.51 2.68 -7.70
C HIS A 246 -9.72 2.67 -9.00
N VAL A 247 -8.39 2.72 -8.95
CA VAL A 247 -7.59 2.69 -10.17
C VAL A 247 -6.43 1.70 -10.03
N LEU A 248 -5.51 1.98 -9.11
CA LEU A 248 -4.24 1.25 -9.07
C LEU A 248 -4.43 -0.18 -8.57
N LEU A 249 -5.05 -0.34 -7.40
CA LEU A 249 -5.16 -1.67 -6.80
C LEU A 249 -5.98 -2.64 -7.64
N PRO A 250 -7.14 -2.28 -8.21
CA PRO A 250 -7.84 -3.24 -9.08
C PRO A 250 -7.01 -3.69 -10.27
N VAL A 251 -6.18 -2.82 -10.82
CA VAL A 251 -5.33 -3.20 -11.93
C VAL A 251 -4.13 -4.01 -11.46
N ALA A 252 -3.56 -3.64 -10.31
CA ALA A 252 -2.36 -4.32 -9.83
C ALA A 252 -2.65 -5.77 -9.46
N TYR A 253 -3.79 -6.03 -8.82
CA TYR A 253 -4.10 -7.40 -8.42
C TYR A 253 -4.56 -8.25 -9.60
N GLU A 254 -5.12 -7.63 -10.64
CA GLU A 254 -5.41 -8.37 -11.86
C GLU A 254 -4.13 -8.65 -12.63
N PHE A 255 -3.19 -7.71 -12.60
CA PHE A 255 -1.90 -7.90 -13.26
C PHE A 255 -1.11 -9.03 -12.63
N ASP A 256 -1.21 -9.17 -11.30
CA ASP A 256 -0.47 -10.15 -10.52
C ASP A 256 1.03 -10.05 -10.79
N PRO A 257 1.67 -8.98 -10.32
CA PRO A 257 3.10 -8.81 -10.63
C PRO A 257 3.97 -9.78 -9.85
N GLU A 258 5.14 -10.06 -10.41
CA GLU A 258 6.14 -10.88 -9.74
C GLU A 258 7.15 -10.05 -8.96
N LEU A 259 7.14 -8.73 -9.14
CA LEU A 259 8.01 -7.82 -8.41
C LEU A 259 7.42 -6.42 -8.50
N VAL A 260 7.46 -5.69 -7.39
CA VAL A 260 6.93 -4.32 -7.33
C VAL A 260 8.08 -3.38 -7.06
N ILE A 261 8.25 -2.39 -7.93
CA ILE A 261 9.24 -1.33 -7.76
C ILE A 261 8.50 -0.02 -7.62
N VAL A 262 8.89 0.78 -6.62
CA VAL A 262 8.22 2.03 -6.30
C VAL A 262 9.16 3.18 -6.60
N SER A 263 8.73 4.10 -7.46
CA SER A 263 9.39 5.39 -7.62
C SER A 263 8.89 6.28 -6.50
N ALA A 264 9.54 6.19 -5.35
CA ALA A 264 9.04 6.83 -4.12
C ALA A 264 9.57 8.25 -4.07
N GLY A 265 8.82 9.18 -4.66
CA GLY A 265 9.06 10.60 -4.49
C GLY A 265 8.07 11.17 -3.48
N PHE A 266 8.62 11.85 -2.47
CA PHE A 266 7.81 12.37 -1.37
C PHE A 266 7.53 13.86 -1.53
N ASP A 267 7.75 14.41 -2.72
CA ASP A 267 7.27 15.76 -3.01
C ASP A 267 5.76 15.82 -3.20
N SER A 268 5.08 14.68 -3.12
CA SER A 268 3.63 14.63 -3.12
C SER A 268 3.05 14.76 -1.71
N ALA A 269 3.89 15.04 -0.72
CA ALA A 269 3.47 15.14 0.67
C ALA A 269 3.23 16.60 1.06
N ILE A 270 2.64 16.77 2.25
CA ILE A 270 2.30 18.10 2.72
C ILE A 270 3.55 18.96 2.85
N GLY A 271 3.42 20.24 2.51
CA GLY A 271 4.47 21.20 2.72
C GLY A 271 5.54 21.27 1.66
N ASP A 272 5.51 20.40 0.67
CA ASP A 272 6.54 20.42 -0.37
C ASP A 272 6.30 21.61 -1.29
N PRO A 273 7.34 22.41 -1.58
CA PRO A 273 7.13 23.61 -2.42
C PRO A 273 6.88 23.28 -3.88
N GLU A 274 7.29 22.11 -4.35
CA GLU A 274 7.13 21.75 -5.76
C GLU A 274 5.82 21.01 -6.02
N GLY A 275 5.34 20.22 -5.07
CA GLY A 275 4.11 19.48 -5.26
C GLY A 275 2.87 20.24 -4.84
N GLU A 276 2.98 20.98 -3.74
CA GLU A 276 1.89 21.80 -3.20
C GLU A 276 0.64 20.97 -2.90
N MET A 277 0.83 19.69 -2.56
CA MET A 277 -0.26 18.83 -2.16
C MET A 277 -0.46 18.91 -0.65
N CYS A 278 -1.47 18.20 -0.14
CA CYS A 278 -1.83 18.30 1.27
C CYS A 278 -1.95 16.94 1.94
N ALA A 279 -1.28 15.92 1.41
CA ALA A 279 -1.31 14.60 2.02
C ALA A 279 -0.26 14.53 3.13
N LEU A 280 -0.65 13.99 4.27
CA LEU A 280 0.24 13.89 5.42
C LEU A 280 1.16 12.68 5.27
N PRO A 281 2.33 12.71 5.92
CA PRO A 281 3.29 11.60 5.75
C PRO A 281 2.73 10.23 6.10
N GLU A 282 1.72 10.16 6.97
CA GLU A 282 1.17 8.87 7.36
C GLU A 282 0.49 8.15 6.20
N ILE A 283 0.12 8.89 5.15
CA ILE A 283 -0.54 8.24 4.02
C ILE A 283 0.41 7.29 3.30
N PHE A 284 1.72 7.56 3.37
CA PHE A 284 2.68 6.68 2.73
C PHE A 284 2.86 5.37 3.49
N ALA A 285 2.52 5.34 4.78
CA ALA A 285 2.49 4.08 5.51
C ALA A 285 1.41 3.16 4.98
N HIS A 286 0.34 3.72 4.41
CA HIS A 286 -0.74 2.92 3.85
C HIS A 286 -0.53 2.61 2.38
N LEU A 287 0.01 3.56 1.62
CA LEU A 287 0.35 3.28 0.22
C LEU A 287 1.33 2.13 0.13
N THR A 288 2.28 2.05 1.06
CA THR A 288 3.18 0.91 1.11
C THR A 288 2.44 -0.35 1.55
N HIS A 289 1.58 -0.24 2.55
CA HIS A 289 0.91 -1.41 3.12
C HIS A 289 -0.03 -2.06 2.11
N LEU A 290 -0.75 -1.25 1.31
CA LEU A 290 -1.71 -1.80 0.37
C LEU A 290 -1.05 -2.52 -0.81
N LEU A 291 0.25 -2.33 -1.02
CA LEU A 291 0.95 -2.96 -2.13
C LEU A 291 1.70 -4.22 -1.75
N MET A 292 1.94 -4.46 -0.46
CA MET A 292 2.78 -5.55 0.00
C MET A 292 2.17 -6.94 -0.18
N PRO A 293 0.83 -7.11 -0.17
CA PRO A 293 0.28 -8.41 -0.57
C PRO A 293 0.62 -8.83 -2.00
N LEU A 294 1.07 -7.90 -2.84
CA LEU A 294 1.43 -8.24 -4.21
C LEU A 294 2.82 -8.86 -4.26
N ALA A 295 2.99 -9.80 -5.19
CA ALA A 295 4.30 -10.40 -5.49
C ALA A 295 4.97 -11.00 -4.25
N ALA A 296 4.16 -11.55 -3.34
CA ALA A 296 4.64 -12.16 -2.10
C ALA A 296 5.49 -11.19 -1.27
N GLY A 297 5.22 -9.89 -1.38
CA GLY A 297 5.91 -8.89 -0.60
C GLY A 297 7.22 -8.40 -1.19
N LYS A 298 7.64 -8.92 -2.35
CA LYS A 298 8.90 -8.52 -2.95
C LYS A 298 8.75 -7.10 -3.50
N MET A 299 9.17 -6.12 -2.71
CA MET A 299 8.92 -4.71 -3.02
C MET A 299 10.21 -3.91 -2.85
N CYS A 300 10.59 -3.15 -3.87
CA CYS A 300 11.79 -2.34 -3.87
C CYS A 300 11.41 -0.87 -3.94
N VAL A 301 11.69 -0.13 -2.87
CA VAL A 301 11.36 1.28 -2.78
C VAL A 301 12.59 2.10 -3.14
N VAL A 302 12.50 2.93 -4.17
CA VAL A 302 13.62 3.72 -4.65
C VAL A 302 13.27 5.19 -4.47
N LEU A 303 14.10 5.91 -3.71
CA LEU A 303 13.86 7.32 -3.43
C LEU A 303 13.96 8.14 -4.71
N GLU A 304 13.03 9.10 -4.85
CA GLU A 304 13.00 9.95 -6.04
C GLU A 304 13.04 11.42 -5.64
N GLY A 305 11.87 12.03 -5.45
CA GLY A 305 11.77 13.42 -5.07
C GLY A 305 11.46 13.61 -3.59
N GLY A 306 11.17 14.86 -3.24
CA GLY A 306 10.92 15.24 -1.86
C GLY A 306 11.86 16.34 -1.40
N TYR A 307 11.33 17.57 -1.24
CA TYR A 307 12.17 18.73 -1.05
C TYR A 307 11.90 19.53 0.21
N ASN A 308 10.85 19.20 0.95
CA ASN A 308 10.65 19.77 2.29
C ASN A 308 11.33 18.83 3.29
N LEU A 309 12.44 19.29 3.86
CA LEU A 309 13.28 18.41 4.66
C LEU A 309 12.54 17.84 5.86
N THR A 310 11.62 18.60 6.45
CA THR A 310 10.83 18.07 7.55
C THR A 310 9.83 17.04 7.06
N SER A 311 9.09 17.36 5.99
CA SER A 311 8.13 16.41 5.45
C SER A 311 8.80 15.18 4.87
N LEU A 312 10.01 15.32 4.33
CA LEU A 312 10.70 14.19 3.71
C LEU A 312 11.09 13.16 4.76
N GLY A 313 11.67 13.60 5.87
CA GLY A 313 12.08 12.67 6.91
C GLY A 313 10.91 11.88 7.48
N GLN A 314 9.77 12.55 7.68
CA GLN A 314 8.61 11.86 8.24
C GLN A 314 8.04 10.86 7.24
N SER A 315 8.02 11.20 5.96
CA SER A 315 7.45 10.30 4.97
C SER A 315 8.33 9.08 4.74
N VAL A 316 9.66 9.25 4.85
CA VAL A 316 10.56 8.12 4.70
C VAL A 316 10.35 7.13 5.84
N CYS A 317 10.22 7.63 7.07
CA CYS A 317 10.06 6.74 8.22
C CYS A 317 8.76 5.96 8.13
N GLN A 318 7.68 6.61 7.69
CA GLN A 318 6.40 5.89 7.55
C GLN A 318 6.50 4.78 6.51
N THR A 319 7.32 4.97 5.48
CA THR A 319 7.48 3.94 4.47
C THR A 319 8.28 2.76 5.01
N VAL A 320 9.38 3.04 5.72
CA VAL A 320 10.19 1.96 6.27
C VAL A 320 9.45 1.26 7.41
N HIS A 321 8.65 2.00 8.18
CA HIS A 321 7.86 1.39 9.24
C HIS A 321 6.96 0.28 8.70
N SER A 322 6.27 0.56 7.59
CA SER A 322 5.38 -0.45 7.01
C SER A 322 6.17 -1.60 6.41
N LEU A 323 7.30 -1.29 5.76
CA LEU A 323 8.13 -2.34 5.19
C LEU A 323 8.67 -3.29 6.26
N LEU A 324 8.92 -2.78 7.47
CA LEU A 324 9.33 -3.62 8.59
C LEU A 324 8.16 -4.32 9.26
N GLY A 325 6.93 -4.08 8.81
CA GLY A 325 5.77 -4.73 9.38
C GLY A 325 5.18 -4.05 10.59
N ASP A 326 5.65 -2.86 10.94
CA ASP A 326 5.10 -2.15 12.08
C ASP A 326 3.63 -1.78 11.83
N PRO A 327 2.83 -1.66 12.89
CA PRO A 327 1.41 -1.33 12.70
C PRO A 327 1.23 0.02 12.02
N THR A 328 0.21 0.11 11.17
CA THR A 328 -0.05 1.33 10.43
C THR A 328 -0.83 2.32 11.30
N PRO A 329 -0.55 3.61 11.17
CA PRO A 329 -1.29 4.60 11.98
C PRO A 329 -2.70 4.83 11.45
N ARG A 330 -3.57 5.24 12.37
CA ARG A 330 -4.95 5.51 11.99
C ARG A 330 -5.05 6.79 11.19
N ILE A 331 -5.89 6.78 10.17
CA ILE A 331 -6.12 7.94 9.30
C ILE A 331 -7.56 8.40 9.51
N SER A 332 -7.73 9.61 10.04
CA SER A 332 -9.04 10.17 10.30
C SER A 332 -9.32 11.31 9.33
N GLY A 333 -10.60 11.70 9.26
CA GLY A 333 -11.02 12.77 8.39
C GLY A 333 -11.19 12.39 6.94
N LEU A 334 -11.21 11.10 6.61
CA LEU A 334 -11.34 10.66 5.24
C LEU A 334 -12.78 10.81 4.76
N GLY A 335 -12.92 11.09 3.48
CA GLY A 335 -14.24 11.25 2.88
C GLY A 335 -14.13 11.11 1.37
N THR A 336 -14.96 11.87 0.66
CA THR A 336 -14.95 11.83 -0.78
C THR A 336 -13.75 12.59 -1.33
N ALA A 337 -13.29 12.15 -2.50
CA ALA A 337 -12.29 12.91 -3.23
C ALA A 337 -12.91 14.17 -3.83
N CYS A 338 -12.07 15.17 -4.09
CA CYS A 338 -12.58 16.41 -4.67
C CYS A 338 -13.06 16.16 -6.10
N ASP A 339 -13.75 17.16 -6.64
CA ASP A 339 -14.35 17.01 -7.97
C ASP A 339 -13.26 16.84 -9.04
N SER A 340 -12.15 17.57 -8.92
CA SER A 340 -11.08 17.45 -9.90
C SER A 340 -10.47 16.06 -9.87
N ALA A 341 -10.26 15.50 -8.67
CA ALA A 341 -9.73 14.15 -8.57
C ALA A 341 -10.73 13.12 -9.08
N LEU A 342 -12.02 13.31 -8.76
CA LEU A 342 -13.04 12.39 -9.26
C LEU A 342 -13.13 12.45 -10.78
N GLU A 343 -12.95 13.64 -11.36
CA GLU A 343 -12.94 13.75 -12.82
C GLU A 343 -11.76 13.00 -13.43
N SER A 344 -10.58 13.15 -12.83
CA SER A 344 -9.42 12.41 -13.31
C SER A 344 -9.62 10.90 -13.15
N ILE A 345 -10.10 10.48 -11.97
CA ILE A 345 -10.35 9.07 -11.74
C ILE A 345 -11.40 8.54 -12.69
N GLN A 346 -12.45 9.33 -12.95
CA GLN A 346 -13.50 8.92 -13.88
C GLN A 346 -12.95 8.74 -15.28
N ASN A 347 -12.06 9.65 -15.71
CA ASN A 347 -11.55 9.59 -17.08
C ASN A 347 -10.58 8.42 -17.27
N VAL A 348 -9.71 8.19 -16.30
CA VAL A 348 -8.74 7.09 -16.42
C VAL A 348 -9.47 5.76 -16.51
N ARG A 349 -10.46 5.55 -15.64
CA ARG A 349 -11.20 4.29 -15.66
C ARG A 349 -11.93 4.08 -16.99
N ASN A 350 -12.38 5.16 -17.62
CA ASN A 350 -13.08 5.03 -18.89
C ASN A 350 -12.15 4.60 -20.01
N VAL A 351 -10.98 5.25 -20.12
CA VAL A 351 -10.04 4.91 -21.18
C VAL A 351 -9.47 3.52 -20.97
N GLN A 352 -9.21 3.14 -19.72
CA GLN A 352 -8.66 1.82 -19.41
C GLN A 352 -9.70 0.71 -19.44
N SER A 353 -10.98 1.05 -19.63
CA SER A 353 -12.04 0.05 -19.54
C SER A 353 -11.93 -1.02 -20.61
N SER A 354 -11.29 -0.72 -21.73
CA SER A 354 -11.14 -1.69 -22.82
C SER A 354 -9.95 -2.61 -22.64
N TYR A 355 -9.22 -2.50 -21.53
CA TYR A 355 -8.03 -3.30 -21.30
C TYR A 355 -8.06 -4.12 -20.02
N TRP A 356 -8.71 -3.65 -18.97
CA TRP A 356 -8.73 -4.32 -17.68
C TRP A 356 -10.15 -4.71 -17.31
N SER A 357 -10.32 -5.93 -16.80
CA SER A 357 -11.64 -6.47 -16.49
C SER A 357 -12.26 -5.84 -15.25
N SER A 358 -11.49 -5.16 -14.41
CA SER A 358 -12.07 -4.45 -13.28
C SER A 358 -12.85 -3.22 -13.73
N PHE A 359 -12.54 -2.67 -14.90
CA PHE A 359 -13.25 -1.53 -15.45
C PHE A 359 -14.12 -1.90 -16.65
N LYS A 360 -14.16 -3.17 -17.03
CA LYS A 360 -14.81 -3.57 -18.28
C LYS A 360 -16.30 -3.27 -18.27
N HIS A 361 -16.92 -3.21 -17.09
CA HIS A 361 -18.36 -2.95 -17.02
C HIS A 361 -18.72 -1.52 -17.43
N LEU A 362 -17.74 -0.62 -17.51
CA LEU A 362 -17.99 0.77 -17.88
C LEU A 362 -18.08 0.98 -19.40
N ALA A 363 -18.19 -0.08 -20.19
CA ALA A 363 -18.07 0.03 -21.64
C ALA A 363 -19.36 -0.22 -22.41
N GLN A 364 -20.44 -0.66 -21.75
CA GLN A 364 -21.67 -0.96 -22.46
C GLN A 364 -22.86 -0.65 -21.57
N SER A 365 -24.04 -0.67 -22.19
CA SER A 365 -25.28 -0.44 -21.46
C SER A 365 -25.52 -1.56 -20.45
N GLU A 366 -26.27 -1.22 -19.40
CA GLU A 366 -26.48 -2.11 -18.25
C GLU A 366 -25.13 -2.53 -17.66
N THR A 367 -24.45 -1.52 -17.11
CA THR A 367 -23.12 -1.71 -16.53
C THR A 367 -23.15 -2.67 -15.36
N ASP A 399 5.36 29.34 5.76
CA ASP A 399 5.70 28.08 6.42
C ASP A 399 4.44 27.29 6.75
N ILE A 400 4.28 26.13 6.10
CA ILE A 400 3.13 25.27 6.32
C ILE A 400 3.47 24.29 7.44
N VAL A 401 2.56 24.15 8.41
CA VAL A 401 2.78 23.35 9.60
C VAL A 401 1.68 22.31 9.71
N TRP A 402 2.05 21.10 10.12
CA TRP A 402 1.13 20.00 10.36
C TRP A 402 1.60 19.25 11.59
N PRO A 403 0.71 18.56 12.29
CA PRO A 403 1.11 17.85 13.51
C PRO A 403 2.05 16.69 13.21
N GLU A 404 2.88 16.37 14.20
CA GLU A 404 3.82 15.27 14.06
C GLU A 404 3.09 13.93 14.12
N PRO A 405 3.51 12.94 13.34
CA PRO A 405 2.88 11.62 13.42
C PRO A 405 3.20 10.95 14.74
N LEU A 406 2.27 10.11 15.20
CA LEU A 406 2.44 9.40 16.45
C LEU A 406 3.54 8.35 16.32
N LYS A 407 3.89 7.75 17.46
CA LYS A 407 4.98 6.78 17.50
C LYS A 407 4.48 5.41 17.07
N ARG A 408 5.03 4.88 15.97
CA ARG A 408 4.75 3.52 15.56
C ARG A 408 5.63 2.55 16.34
N MET A 409 5.02 1.46 16.80
CA MET A 409 5.76 0.50 17.61
C MET A 409 5.24 -0.91 17.38
N PRO A 410 6.10 -1.86 17.04
CA PRO A 410 5.64 -3.26 16.95
C PRO A 410 5.39 -3.83 18.34
N ALA A 411 4.31 -4.60 18.45
CA ALA A 411 3.96 -5.20 19.72
C ALA A 411 5.03 -6.18 20.18
N SER A 412 5.05 -6.44 21.49
CA SER A 412 6.00 -7.40 22.04
C SER A 412 5.83 -8.77 21.41
N VAL A 413 4.58 -9.23 21.28
CA VAL A 413 4.23 -10.39 20.49
C VAL A 413 3.04 -10.00 19.62
N ARG A 414 3.18 -10.17 18.31
CA ARG A 414 2.21 -9.58 17.39
C ARG A 414 0.88 -10.31 17.42
N THR A 415 0.90 -11.65 17.51
CA THR A 415 -0.31 -12.44 17.36
C THR A 415 -0.46 -13.43 18.51
N VAL A 416 -1.69 -13.53 19.03
CA VAL A 416 -2.04 -14.49 20.05
C VAL A 416 -3.01 -15.49 19.45
N VAL A 417 -2.71 -16.77 19.60
CA VAL A 417 -3.51 -17.85 19.01
C VAL A 417 -4.11 -18.69 20.12
N VAL A 418 -5.40 -18.98 20.01
CA VAL A 418 -6.10 -19.81 20.99
C VAL A 418 -6.73 -21.00 20.26
N PRO A 419 -6.00 -22.08 20.04
CA PRO A 419 -6.58 -23.26 19.38
C PRO A 419 -7.55 -23.97 20.30
N PRO A 420 -8.30 -24.95 19.79
CA PRO A 420 -9.20 -25.73 20.65
C PRO A 420 -8.43 -26.44 21.76
N PRO A 421 -9.10 -26.87 22.82
CA PRO A 421 -8.39 -27.49 23.96
C PRO A 421 -7.60 -28.72 23.53
N GLY A 422 -6.29 -28.67 23.75
CA GLY A 422 -5.42 -29.79 23.46
C GLY A 422 -5.05 -29.93 22.00
N VAL A 423 -4.60 -28.85 21.38
CA VAL A 423 -4.16 -28.85 19.99
C VAL A 423 -2.83 -28.11 19.92
N GLU A 424 -1.74 -28.85 19.74
CA GLU A 424 -0.43 -28.24 19.59
C GLU A 424 -0.21 -27.84 18.14
N LEU A 425 0.42 -26.68 17.95
CA LEU A 425 0.63 -26.13 16.62
C LEU A 425 2.03 -25.54 16.51
N THR A 426 2.54 -25.52 15.28
CA THR A 426 3.82 -24.89 14.98
C THR A 426 3.54 -23.42 14.66
N LEU A 427 4.04 -22.52 15.51
CA LEU A 427 3.75 -21.11 15.38
C LEU A 427 4.98 -20.34 14.92
N PRO A 428 4.80 -19.25 14.18
CA PRO A 428 5.92 -18.37 13.85
C PRO A 428 6.56 -17.79 15.11
N LYS A 429 7.78 -17.27 14.93
CA LYS A 429 8.57 -16.80 16.06
C LYS A 429 7.93 -15.60 16.79
N ASN A 430 6.93 -14.96 16.20
CA ASN A 430 6.28 -13.81 16.83
C ASN A 430 4.83 -14.12 17.17
N CYS A 431 4.58 -15.28 17.78
CA CYS A 431 3.24 -15.68 18.17
C CYS A 431 3.30 -16.41 19.51
N GLN A 432 2.17 -16.42 20.20
CA GLN A 432 2.04 -17.09 21.48
C GLN A 432 0.67 -17.74 21.58
N HIS A 433 0.50 -18.59 22.58
CA HIS A 433 -0.79 -19.17 22.89
C HIS A 433 -1.57 -18.22 23.79
N SER A 434 -2.69 -18.67 24.34
CA SER A 434 -3.56 -17.82 25.15
C SER A 434 -2.84 -17.24 26.37
N ASP A 436 -3.17 -18.46 30.00
CA ASP A 436 -3.76 -18.64 31.32
C ASP A 436 -4.68 -17.48 31.68
N ILE A 437 -5.93 -17.79 32.00
CA ILE A 437 -6.92 -16.77 32.33
C ILE A 437 -6.73 -16.36 33.79
N SER A 438 -6.46 -15.09 34.02
CA SER A 438 -6.29 -14.58 35.37
C SER A 438 -7.64 -14.57 36.09
N GLU A 439 -7.57 -14.54 37.43
CA GLU A 439 -8.78 -14.52 38.24
C GLU A 439 -9.58 -13.25 38.03
N SER A 440 -8.91 -12.16 37.65
CA SER A 440 -9.62 -10.92 37.34
C SER A 440 -10.52 -11.11 36.12
N THR A 441 -10.03 -11.80 35.10
CA THR A 441 -10.85 -12.09 33.93
C THR A 441 -11.88 -13.18 34.23
N ALA A 442 -11.53 -14.15 35.08
CA ALA A 442 -12.45 -15.24 35.40
C ALA A 442 -13.70 -14.71 36.11
N LYS A 443 -13.56 -13.65 36.91
CA LYS A 443 -14.72 -13.09 37.58
C LYS A 443 -15.62 -12.34 36.61
N GLU A 444 -15.05 -11.76 35.55
CA GLU A 444 -15.86 -11.03 34.58
C GLU A 444 -16.73 -11.96 33.76
N VAL A 445 -16.18 -13.11 33.34
CA VAL A 445 -16.98 -14.08 32.59
C VAL A 445 -18.17 -14.56 33.42
N GLN A 446 -17.99 -14.68 34.74
CA GLN A 446 -19.13 -15.04 35.58
C GLN A 446 -20.17 -13.93 35.58
N ARG A 447 -19.76 -12.68 35.85
CA ARG A 447 -20.71 -11.58 35.89
C ARG A 447 -21.47 -11.44 34.58
N ILE A 448 -20.81 -11.69 33.46
CA ILE A 448 -21.50 -11.66 32.16
C ILE A 448 -22.50 -12.79 32.07
N ARG A 449 -22.19 -13.95 32.67
CA ARG A 449 -23.07 -15.11 32.57
C ARG A 449 -24.29 -14.99 33.48
N ASP A 450 -24.12 -14.47 34.69
CA ASP A 450 -25.26 -14.32 35.59
C ASP A 450 -26.23 -13.23 35.15
N LYS A 451 -25.85 -12.37 34.24
CA LYS A 451 -26.76 -11.35 33.74
C LYS A 451 -27.38 -11.80 32.42
N HIS A 452 -26.56 -11.87 31.37
CA HIS A 452 -26.96 -12.42 30.09
C HIS A 452 -26.53 -13.87 29.99
N PHE A 453 -27.32 -14.66 29.26
CA PHE A 453 -27.19 -16.12 29.22
C PHE A 453 -27.01 -16.69 30.62
N HIS A 454 -28.04 -16.52 31.44
CA HIS A 454 -27.99 -17.07 32.80
C HIS A 454 -28.40 -18.54 32.86
N ASP A 455 -28.52 -19.20 31.70
CA ASP A 455 -28.76 -20.63 31.62
C ASP A 455 -27.70 -21.26 30.71
N LEU A 456 -26.44 -21.03 31.06
CA LEU A 456 -25.30 -21.47 30.25
C LEU A 456 -24.28 -22.12 31.18
N THR A 457 -24.13 -23.44 31.08
CA THR A 457 -23.15 -24.17 31.86
C THR A 457 -22.10 -24.88 31.02
N ASP A 458 -22.23 -24.84 29.69
CA ASP A 458 -21.23 -25.40 28.78
C ASP A 458 -19.85 -24.83 29.11
N GLN A 459 -19.08 -25.56 29.91
CA GLN A 459 -17.80 -25.05 30.40
C GLN A 459 -16.80 -24.82 29.27
N ASN A 460 -16.99 -25.45 28.11
CA ASN A 460 -16.12 -25.18 26.98
C ASN A 460 -16.36 -23.78 26.43
N ILE A 461 -17.62 -23.35 26.37
CA ILE A 461 -17.93 -22.00 25.91
C ILE A 461 -17.37 -20.97 26.88
N LEU A 462 -17.50 -21.23 28.19
CA LEU A 462 -17.04 -20.27 29.19
C LEU A 462 -15.54 -20.04 29.11
N ARG A 463 -14.78 -21.04 28.63
CA ARG A 463 -13.34 -20.83 28.45
C ARG A 463 -13.06 -19.95 27.25
N SER A 464 -13.83 -20.10 26.17
CA SER A 464 -13.61 -19.30 24.98
C SER A 464 -13.89 -17.82 25.25
N LEU A 465 -14.97 -17.53 25.98
CA LEU A 465 -15.27 -16.15 26.34
C LEU A 465 -14.21 -15.59 27.29
N GLY A 466 -13.64 -16.42 28.15
CA GLY A 466 -12.51 -15.99 28.95
C GLY A 466 -11.28 -15.69 28.11
N ASN A 467 -11.08 -16.46 27.03
CA ASN A 467 -9.97 -16.19 26.12
C ASN A 467 -10.22 -14.90 25.34
N ILE A 468 -11.46 -14.68 24.90
CA ILE A 468 -11.78 -13.49 24.11
C ILE A 468 -11.47 -12.23 24.90
N ILE A 469 -11.85 -12.20 26.18
CA ILE A 469 -11.61 -11.01 27.01
C ILE A 469 -10.12 -10.85 27.29
N SER A 470 -9.42 -11.96 27.52
CA SER A 470 -7.99 -11.88 27.82
C SER A 470 -7.21 -11.34 26.63
N VAL A 471 -7.54 -11.80 25.42
CA VAL A 471 -6.81 -11.33 24.24
C VAL A 471 -7.22 -9.89 23.90
N LEU A 472 -8.49 -9.55 24.09
CA LEU A 472 -8.93 -8.18 23.81
C LEU A 472 -8.30 -7.19 24.77
N ASP A 473 -8.16 -7.56 26.04
CA ASP A 473 -7.51 -6.67 27.00
C ASP A 473 -6.04 -6.47 26.67
N ARG A 474 -5.37 -7.52 26.18
CA ARG A 474 -3.98 -7.38 25.76
C ARG A 474 -3.86 -6.62 24.44
N MET A 475 -4.94 -6.53 23.67
CA MET A 475 -4.90 -5.77 22.42
C MET A 475 -5.16 -4.28 22.66
N MET A 476 -6.31 -3.96 23.25
CA MET A 476 -6.74 -2.56 23.35
C MET A 476 -5.89 -1.79 24.35
N ARG A 477 -5.69 -2.35 25.54
CA ARG A 477 -4.97 -1.64 26.59
C ARG A 477 -3.46 -1.73 26.41
N SER A 478 -2.85 -2.79 26.94
CA SER A 478 -1.40 -2.92 26.90
C SER A 478 -0.90 -3.02 25.46
N ASP A 479 0.26 -2.42 25.21
CA ASP A 479 0.87 -2.44 23.88
C ASP A 479 1.72 -3.70 23.71
N GLU A 480 1.32 -4.78 24.37
CA GLU A 480 2.07 -6.03 24.31
C GLU A 480 1.62 -6.91 23.13
N VAL A 481 0.33 -6.90 22.82
CA VAL A 481 -0.24 -7.74 21.78
C VAL A 481 -0.88 -6.85 20.73
N CYS A 482 -0.66 -7.16 19.46
CA CYS A 482 -1.23 -6.39 18.35
C CYS A 482 -2.60 -6.93 17.94
N ASN A 483 -2.66 -8.21 17.57
CA ASN A 483 -3.91 -8.84 17.16
C ASN A 483 -3.93 -10.27 17.68
N GLY A 484 -4.97 -11.00 17.32
CA GLY A 484 -5.11 -12.37 17.79
C GLY A 484 -6.24 -13.09 17.08
N CYS A 485 -6.22 -14.42 17.21
CA CYS A 485 -7.24 -15.29 16.64
C CYS A 485 -7.67 -16.31 17.69
N VAL A 486 -8.98 -16.51 17.80
CA VAL A 486 -9.57 -17.41 18.79
C VAL A 486 -10.52 -18.35 18.07
N VAL A 487 -10.42 -19.64 18.38
CA VAL A 487 -11.33 -20.65 17.84
C VAL A 487 -12.49 -20.82 18.81
N VAL A 488 -13.71 -20.76 18.30
CA VAL A 488 -14.92 -20.80 19.13
C VAL A 488 -15.80 -21.95 18.66
N SER A 489 -16.77 -22.29 19.51
CA SER A 489 -17.80 -23.27 19.19
C SER A 489 -19.19 -22.66 19.13
N ASP A 490 -19.50 -21.73 20.02
CA ASP A 490 -20.74 -20.96 19.98
C ASP A 490 -20.47 -19.64 19.28
N LEU A 491 -21.36 -19.25 18.36
CA LEU A 491 -21.15 -18.03 17.60
C LEU A 491 -21.85 -16.83 18.23
N SER A 492 -23.16 -16.94 18.50
CA SER A 492 -23.92 -15.80 18.97
C SER A 492 -23.42 -15.30 20.32
N VAL A 493 -23.08 -16.22 21.23
CA VAL A 493 -22.60 -15.81 22.55
C VAL A 493 -21.19 -15.26 22.47
N SER A 494 -20.36 -15.80 21.57
CA SER A 494 -18.97 -15.34 21.49
C SER A 494 -18.86 -13.98 20.84
N VAL A 495 -19.60 -13.75 19.74
CA VAL A 495 -19.53 -12.46 19.08
C VAL A 495 -20.16 -11.37 19.94
N GLN A 496 -21.11 -11.74 20.81
CA GLN A 496 -21.73 -10.78 21.70
C GLN A 496 -20.73 -10.32 22.77
N CYS A 497 -20.05 -11.27 23.41
CA CYS A 497 -19.05 -10.90 24.41
C CYS A 497 -17.90 -10.14 23.78
N ALA A 498 -17.49 -10.54 22.57
CA ALA A 498 -16.39 -9.86 21.90
C ALA A 498 -16.75 -8.42 21.55
N LEU A 499 -17.94 -8.22 20.99
CA LEU A 499 -18.33 -6.89 20.54
C LEU A 499 -18.65 -5.98 21.72
N GLN A 500 -19.42 -6.48 22.69
CA GLN A 500 -19.82 -5.64 23.82
C GLN A 500 -18.64 -5.30 24.72
N HIS A 501 -17.64 -6.19 24.80
CA HIS A 501 -16.47 -5.90 25.62
C HIS A 501 -15.55 -4.87 24.96
N ALA A 502 -15.57 -4.81 23.62
CA ALA A 502 -14.75 -3.83 22.92
C ALA A 502 -15.37 -2.43 22.95
N LEU A 503 -16.69 -2.36 23.06
CA LEU A 503 -17.41 -1.08 23.06
C LEU A 503 -17.47 -0.42 24.43
N THR A 504 -16.79 -0.99 25.44
CA THR A 504 -16.79 -0.43 26.78
C THR A 504 -15.39 -0.12 27.31
N GLU A 505 -14.35 -0.76 26.80
CA GLU A 505 -12.98 -0.39 27.18
C GLU A 505 -12.71 1.09 26.91
N PRO A 506 -13.01 1.66 25.73
CA PRO A 506 -12.82 3.10 25.58
C PRO A 506 -14.11 3.90 25.75
N GLU A 508 -14.54 2.15 20.84
CA GLU A 508 -15.01 3.43 20.32
C GLU A 508 -15.76 3.20 19.03
N ARG A 509 -15.07 2.62 18.05
CA ARG A 509 -15.66 2.24 16.78
C ARG A 509 -15.15 0.86 16.42
N VAL A 510 -16.05 -0.03 16.03
CA VAL A 510 -15.73 -1.43 15.75
C VAL A 510 -16.28 -1.80 14.38
N LEU A 511 -15.41 -2.27 13.49
CA LEU A 511 -15.82 -2.81 12.21
C LEU A 511 -15.90 -4.33 12.31
N VAL A 512 -16.98 -4.90 11.78
CA VAL A 512 -17.23 -6.34 11.84
C VAL A 512 -17.28 -6.88 10.43
N VAL A 513 -16.45 -7.88 10.15
CA VAL A 513 -16.42 -8.56 8.86
C VAL A 513 -16.83 -10.01 9.12
N TYR A 514 -17.98 -10.41 8.59
CA TYR A 514 -18.59 -11.69 8.89
C TYR A 514 -18.84 -12.45 7.60
N VAL A 515 -18.29 -13.66 7.52
CA VAL A 515 -18.52 -14.52 6.36
C VAL A 515 -19.45 -15.66 6.77
N GLY A 516 -20.75 -15.43 6.65
CA GLY A 516 -21.74 -16.41 7.01
C GLY A 516 -23.11 -15.97 6.55
N ASP A 517 -24.10 -16.84 6.76
CA ASP A 517 -25.44 -16.60 6.26
C ASP A 517 -26.47 -16.31 7.33
N GLY A 518 -26.20 -16.61 8.59
CA GLY A 518 -27.14 -16.36 9.66
C GLY A 518 -27.22 -14.89 10.02
N GLU A 519 -27.92 -14.64 11.12
CA GLU A 519 -28.01 -13.31 11.70
C GLU A 519 -27.30 -13.30 13.05
N LEU A 520 -26.50 -12.26 13.27
CA LEU A 520 -25.70 -12.19 14.48
C LEU A 520 -26.20 -11.09 15.42
N PRO A 521 -26.00 -11.25 16.73
CA PRO A 521 -26.37 -10.17 17.66
C PRO A 521 -25.49 -8.95 17.52
N VAL A 522 -25.57 -8.28 16.37
CA VAL A 522 -24.79 -7.08 16.07
C VAL A 522 -25.77 -5.99 15.68
N LYS A 523 -25.72 -4.87 16.41
CA LYS A 523 -26.65 -3.76 16.21
C LYS A 523 -25.90 -2.63 15.51
N THR A 524 -26.21 -2.41 14.22
CA THR A 524 -25.71 -1.27 13.47
C THR A 524 -26.62 -0.06 13.65
N ASN A 525 -26.89 0.29 14.90
CA ASN A 525 -27.89 1.26 15.28
C ASN A 525 -27.33 2.65 15.54
N ASP A 526 -26.24 2.73 16.30
CA ASP A 526 -25.73 3.98 16.82
C ASP A 526 -24.63 4.60 15.97
N GLY A 527 -24.27 3.98 14.84
CA GLY A 527 -23.13 4.43 14.07
C GLY A 527 -21.80 4.09 14.66
N LYS A 528 -21.76 3.25 15.71
CA LYS A 528 -20.51 2.78 16.30
C LYS A 528 -20.05 1.45 15.72
N VAL A 529 -20.85 0.82 14.88
CA VAL A 529 -20.54 -0.49 14.32
C VAL A 529 -20.91 -0.49 12.84
N PHE A 530 -19.99 -0.98 12.01
CA PHE A 530 -20.27 -1.26 10.60
C PHE A 530 -20.05 -2.75 10.36
N LEU A 531 -21.01 -3.39 9.70
CA LEU A 531 -20.99 -4.83 9.50
C LEU A 531 -20.88 -5.14 8.01
N VAL A 532 -19.80 -5.81 7.63
CA VAL A 532 -19.64 -6.36 6.29
C VAL A 532 -19.96 -7.85 6.36
N GLN A 533 -20.92 -8.29 5.54
CA GLN A 533 -21.39 -9.66 5.56
C GLN A 533 -21.17 -10.30 4.19
N ILE A 534 -20.55 -11.48 4.18
CA ILE A 534 -20.35 -12.28 2.99
C ILE A 534 -21.20 -13.54 3.13
N CYS A 535 -22.28 -13.63 2.37
CA CYS A 535 -23.26 -14.69 2.52
C CYS A 535 -23.58 -15.30 1.16
N THR A 536 -24.50 -16.28 1.16
CA THR A 536 -24.95 -16.97 -0.04
C THR A 536 -26.30 -16.49 -0.53
N LYS A 537 -27.24 -16.24 0.38
CA LYS A 537 -28.55 -15.71 0.02
C LYS A 537 -28.52 -14.18 0.10
N GLU A 538 -29.09 -13.53 -0.90
CA GLU A 538 -29.08 -12.08 -0.94
C GLU A 538 -30.14 -11.50 -0.02
N THR A 539 -29.74 -10.52 0.79
CA THR A 539 -30.63 -9.88 1.75
C THR A 539 -30.75 -8.40 1.41
N GLU A 540 -31.98 -7.92 1.32
CA GLU A 540 -32.25 -6.51 1.01
C GLU A 540 -31.78 -5.67 2.19
N ASP A 541 -30.64 -5.00 2.03
CA ASP A 541 -30.07 -4.18 3.09
C ASP A 541 -30.69 -2.79 3.06
N LYS A 542 -31.10 -2.30 4.23
CA LYS A 542 -31.69 -0.97 4.36
C LYS A 542 -30.78 0.01 5.09
N CYS A 543 -30.08 -0.44 6.12
CA CYS A 543 -29.16 0.43 6.85
C CYS A 543 -27.94 0.75 5.99
N VAL A 544 -27.49 2.00 6.08
CA VAL A 544 -26.30 2.42 5.35
C VAL A 544 -25.05 2.14 6.18
N ASN A 545 -25.24 1.47 7.31
CA ASN A 545 -24.13 1.00 8.13
C ASN A 545 -23.89 -0.49 7.96
N ARG A 546 -24.54 -1.13 6.99
CA ARG A 546 -24.35 -2.54 6.68
C ARG A 546 -24.03 -2.70 5.20
N LEU A 547 -23.06 -3.56 4.91
CA LEU A 547 -22.67 -3.87 3.53
C LEU A 547 -22.77 -5.38 3.34
N THR A 548 -23.80 -5.82 2.63
CA THR A 548 -24.04 -7.25 2.40
C THR A 548 -23.61 -7.61 0.99
N LEU A 549 -22.73 -8.60 0.88
CA LEU A 549 -22.18 -9.04 -0.40
C LEU A 549 -22.58 -10.49 -0.63
N CYS A 550 -23.64 -10.71 -1.40
CA CYS A 550 -24.06 -12.05 -1.80
C CYS A 550 -23.43 -12.34 -3.15
N LEU A 551 -22.32 -13.08 -3.14
CA LEU A 551 -21.56 -13.36 -4.35
C LEU A 551 -21.95 -14.73 -4.90
N ARG A 552 -22.23 -14.78 -6.20
CA ARG A 552 -22.69 -15.99 -6.86
C ARG A 552 -21.70 -17.15 -6.69
N GLY A 554 -20.00 -19.95 -8.58
CA GLY A 554 -18.98 -20.26 -7.60
C GLY A 554 -17.59 -20.39 -8.19
N GLU A 555 -17.49 -20.27 -9.52
CA GLU A 555 -16.19 -20.39 -10.18
C GLU A 555 -15.35 -19.14 -9.97
N SER A 556 -15.92 -17.97 -10.30
CA SER A 556 -15.20 -16.70 -10.20
C SER A 556 -15.49 -15.98 -8.88
N LEU A 557 -15.74 -16.72 -7.81
CA LEU A 557 -15.92 -16.10 -6.50
C LEU A 557 -14.64 -15.47 -5.99
N THR A 558 -13.49 -15.84 -6.55
CA THR A 558 -12.23 -15.24 -6.15
C THR A 558 -12.05 -13.85 -6.76
N ALA A 559 -12.34 -13.72 -8.06
CA ALA A 559 -12.20 -12.42 -8.71
C ALA A 559 -13.24 -11.42 -8.19
N GLY A 560 -14.46 -11.89 -7.95
CA GLY A 560 -15.49 -10.99 -7.46
C GLY A 560 -15.22 -10.51 -6.04
N PHE A 561 -14.64 -11.37 -5.21
CA PHE A 561 -14.33 -10.98 -3.84
C PHE A 561 -13.24 -9.92 -3.81
N MET A 562 -12.25 -10.03 -4.70
CA MET A 562 -11.18 -9.04 -4.72
C MET A 562 -11.67 -7.69 -5.22
N GLN A 563 -12.62 -7.67 -6.16
CA GLN A 563 -13.20 -6.42 -6.61
C GLN A 563 -13.99 -5.76 -5.47
N ALA A 564 -14.78 -6.54 -4.74
CA ALA A 564 -15.52 -6.00 -3.60
C ALA A 564 -14.57 -5.57 -2.49
N LEU A 565 -13.44 -6.26 -2.32
CA LEU A 565 -12.50 -5.89 -1.27
C LEU A 565 -11.83 -4.56 -1.59
N LEU A 566 -11.35 -4.39 -2.81
CA LEU A 566 -10.64 -3.17 -3.17
C LEU A 566 -11.59 -2.01 -3.46
N GLY A 567 -12.73 -2.29 -4.08
CA GLY A 567 -13.63 -1.24 -4.50
C GLY A 567 -14.75 -0.87 -3.55
N LEU A 568 -15.00 -1.69 -2.53
CA LEU A 568 -16.11 -1.43 -1.62
C LEU A 568 -15.69 -1.53 -0.16
N ILE A 569 -15.16 -2.68 0.23
CA ILE A 569 -14.89 -2.94 1.65
C ILE A 569 -13.81 -1.99 2.18
N LEU A 570 -12.69 -1.89 1.47
CA LEU A 570 -11.63 -0.99 1.92
C LEU A 570 -12.04 0.48 1.93
N PRO A 571 -12.73 1.03 0.93
CA PRO A 571 -13.13 2.44 1.01
C PRO A 571 -14.01 2.77 2.22
N VAL A 572 -15.00 1.93 2.53
CA VAL A 572 -15.88 2.24 3.67
C VAL A 572 -15.12 2.02 4.98
N ALA A 573 -14.27 0.99 5.04
CA ALA A 573 -13.54 0.72 6.27
C ALA A 573 -12.58 1.85 6.60
N TYR A 574 -11.94 2.42 5.58
CA TYR A 574 -10.98 3.50 5.82
C TYR A 574 -11.68 4.77 6.28
N GLU A 575 -12.86 5.07 5.71
CA GLU A 575 -13.60 6.25 6.14
C GLU A 575 -14.22 6.04 7.51
N PHE A 576 -14.71 4.82 7.79
CA PHE A 576 -15.29 4.53 9.09
C PHE A 576 -14.26 4.70 10.21
N ASN A 577 -13.00 4.34 9.93
CA ASN A 577 -11.88 4.50 10.86
C ASN A 577 -12.17 3.81 12.18
N PRO A 578 -12.13 2.48 12.23
CA PRO A 578 -12.49 1.77 13.45
C PRO A 578 -11.31 1.69 14.42
N ALA A 579 -11.65 1.43 15.69
CA ALA A 579 -10.65 1.15 16.71
C ALA A 579 -10.38 -0.34 16.86
N LEU A 580 -11.22 -1.21 16.29
CA LEU A 580 -11.01 -2.64 16.35
C LEU A 580 -11.76 -3.28 15.18
N VAL A 581 -11.12 -4.28 14.56
CA VAL A 581 -11.74 -5.09 13.51
C VAL A 581 -12.09 -6.44 14.10
N LEU A 582 -13.33 -6.87 13.88
CA LEU A 582 -13.84 -8.15 14.39
C LEU A 582 -14.18 -9.04 13.20
N GLY A 583 -13.36 -10.06 12.97
CA GLY A 583 -13.59 -11.01 11.90
C GLY A 583 -14.31 -12.25 12.42
N ILE A 584 -15.32 -12.69 11.67
CA ILE A 584 -16.13 -13.84 12.04
C ILE A 584 -16.31 -14.73 10.82
N VAL A 585 -16.02 -16.03 11.00
CA VAL A 585 -16.21 -17.03 9.95
C VAL A 585 -16.96 -18.19 10.57
N GLU A 586 -18.16 -18.47 10.07
CA GLU A 586 -18.90 -19.64 10.53
C GLU A 586 -18.36 -20.91 9.88
N GLU A 587 -18.70 -22.05 10.48
CA GLU A 587 -18.08 -23.30 10.07
C GLU A 587 -18.54 -23.77 8.70
N THR A 588 -19.75 -23.37 8.29
CA THR A 588 -20.23 -23.77 6.97
C THR A 588 -19.35 -23.18 5.87
N ALA A 589 -18.85 -21.97 6.06
CA ALA A 589 -17.96 -21.34 5.10
C ALA A 589 -16.55 -21.92 5.20
N ARG A 593 -14.52 -23.89 2.39
CA ARG A 593 -15.04 -23.32 1.15
C ARG A 593 -13.97 -22.54 0.41
N LEU A 594 -14.37 -21.41 -0.18
CA LEU A 594 -13.45 -20.55 -0.92
C LEU A 594 -12.64 -19.73 0.07
N MET A 595 -11.43 -20.21 0.37
CA MET A 595 -10.55 -19.57 1.35
C MET A 595 -9.34 -18.91 0.73
N ARG A 596 -9.16 -19.01 -0.59
CA ARG A 596 -7.96 -18.48 -1.24
C ARG A 596 -7.83 -16.97 -1.08
N VAL A 597 -8.93 -16.26 -0.81
CA VAL A 597 -8.90 -14.82 -0.67
C VAL A 597 -8.80 -14.34 0.77
N TRP A 598 -8.94 -15.25 1.75
CA TRP A 598 -8.97 -14.82 3.14
C TRP A 598 -7.62 -14.27 3.60
N GLY A 599 -6.52 -14.76 3.04
CA GLY A 599 -5.22 -14.24 3.41
C GLY A 599 -5.03 -12.80 2.99
N HIS A 600 -5.53 -12.44 1.81
CA HIS A 600 -5.41 -11.06 1.33
C HIS A 600 -6.27 -10.11 2.15
N MET A 601 -7.42 -10.57 2.62
CA MET A 601 -8.33 -9.69 3.36
C MET A 601 -7.71 -9.26 4.69
N THR A 602 -7.32 -10.22 5.53
CA THR A 602 -6.82 -9.87 6.85
C THR A 602 -5.49 -9.13 6.79
N CYS A 603 -4.75 -9.24 5.69
CA CYS A 603 -3.54 -8.43 5.54
C CYS A 603 -3.89 -7.00 5.17
N LEU A 604 -4.75 -6.82 4.17
CA LEU A 604 -5.14 -5.47 3.77
C LEU A 604 -5.97 -4.78 4.85
N ILE A 605 -6.83 -5.54 5.54
CA ILE A 605 -7.68 -4.96 6.58
C ILE A 605 -6.90 -4.56 7.82
N GLN A 606 -5.65 -5.00 7.96
CA GLN A 606 -4.83 -4.57 9.08
C GLN A 606 -4.35 -3.13 8.94
N GLY A 607 -4.69 -2.45 7.85
CA GLY A 607 -4.46 -1.02 7.76
C GLY A 607 -5.39 -0.19 8.62
N LEU A 608 -6.48 -0.79 9.12
CA LEU A 608 -7.39 -0.12 10.03
C LEU A 608 -7.04 -0.47 11.47
N ALA A 609 -7.39 0.44 12.38
CA ALA A 609 -7.32 0.20 13.83
C ALA A 609 -5.92 -0.16 14.29
N ARG A 610 -4.90 0.39 13.66
CA ARG A 610 -3.50 0.10 13.98
C ARG A 610 -3.21 -1.40 13.95
N GLY A 611 -3.94 -2.13 13.09
CA GLY A 611 -3.76 -3.56 12.98
C GLY A 611 -4.47 -4.39 14.03
N ARG A 612 -5.18 -3.77 14.95
CA ARG A 612 -5.89 -4.49 16.01
C ARG A 612 -7.08 -5.22 15.42
N MET A 613 -6.93 -6.53 15.20
CA MET A 613 -7.98 -7.33 14.59
C MET A 613 -8.12 -8.64 15.35
N LEU A 614 -9.35 -8.94 15.79
CA LEU A 614 -9.67 -10.21 16.43
C LEU A 614 -10.51 -11.05 15.48
N THR A 615 -10.06 -12.27 15.20
CA THR A 615 -10.75 -13.17 14.30
C THR A 615 -11.31 -14.34 15.08
N LEU A 616 -12.60 -14.61 14.90
CA LEU A 616 -13.29 -15.73 15.54
C LEU A 616 -13.62 -16.77 14.48
N LEU A 617 -13.02 -17.96 14.60
CA LEU A 617 -13.26 -19.07 13.68
C LEU A 617 -14.13 -20.09 14.40
N GLN A 618 -15.35 -20.28 13.90
CA GLN A 618 -16.24 -21.30 14.45
C GLN A 618 -15.83 -22.66 13.90
N GLY A 619 -15.57 -23.61 14.80
CA GLY A 619 -15.06 -24.91 14.41
C GLY A 619 -13.57 -24.86 14.13
N TYR A 620 -12.97 -26.05 14.08
CA TYR A 620 -11.54 -26.18 13.85
C TYR A 620 -11.26 -26.49 12.38
N ASP A 621 -10.33 -25.74 11.80
CA ASP A 621 -9.83 -26.01 10.45
C ASP A 621 -8.34 -25.69 10.47
N LYS A 622 -7.51 -26.74 10.43
CA LYS A 622 -6.07 -26.55 10.53
C LYS A 622 -5.55 -25.66 9.40
N ASP A 623 -6.12 -25.79 8.21
CA ASP A 623 -5.66 -24.98 7.08
C ASP A 623 -6.12 -23.53 7.23
N LEU A 624 -7.39 -23.32 7.59
CA LEU A 624 -7.90 -21.97 7.73
C LEU A 624 -7.26 -21.26 8.93
N LEU A 625 -7.06 -21.98 10.03
CA LEU A 625 -6.43 -21.37 11.20
C LEU A 625 -4.98 -20.99 10.91
N GLU A 626 -4.24 -21.87 10.21
CA GLU A 626 -2.87 -21.54 9.86
C GLU A 626 -2.80 -20.39 8.87
N LEU A 627 -3.82 -20.23 8.02
CA LEU A 627 -3.84 -19.11 7.09
C LEU A 627 -4.10 -17.79 7.81
N THR A 628 -5.03 -17.80 8.77
CA THR A 628 -5.35 -16.58 9.52
C THR A 628 -4.15 -16.13 10.35
N VAL A 629 -3.52 -17.06 11.06
CA VAL A 629 -2.38 -16.71 11.91
C VAL A 629 -1.20 -16.26 11.06
N SER A 630 -1.02 -16.86 9.87
CA SER A 630 0.10 -16.47 9.01
C SER A 630 -0.02 -15.03 8.55
N ALA A 631 -1.22 -14.63 8.12
CA ALA A 631 -1.41 -13.26 7.65
C ALA A 631 -1.49 -12.26 8.80
N LEU A 632 -2.04 -12.67 9.94
CA LEU A 632 -2.07 -11.77 11.10
C LEU A 632 -0.66 -11.47 11.61
N SER A 633 0.26 -12.42 11.48
CA SER A 633 1.62 -12.26 12.00
C SER A 633 2.50 -11.38 11.13
N GLY A 634 2.03 -10.97 9.95
CA GLY A 634 2.81 -10.14 9.06
C GLY A 634 3.61 -10.89 8.03
N ALA A 635 3.42 -12.20 7.90
CA ALA A 635 4.12 -12.98 6.89
C ALA A 635 3.58 -12.63 5.50
N SER A 636 4.36 -13.00 4.49
CA SER A 636 3.94 -12.79 3.12
C SER A 636 2.81 -13.75 2.75
N ILE A 637 2.03 -13.36 1.75
CA ILE A 637 0.88 -14.13 1.28
C ILE A 637 1.15 -14.58 -0.14
N SER A 638 0.72 -15.80 -0.45
CA SER A 638 0.90 -16.33 -1.80
C SER A 638 0.06 -15.53 -2.80
N PRO A 639 0.59 -15.27 -3.99
CA PRO A 639 -0.20 -14.55 -5.00
C PRO A 639 -1.42 -15.35 -5.42
N LEU A 640 -2.47 -14.63 -5.82
CA LEU A 640 -3.70 -15.28 -6.23
C LEU A 640 -3.57 -16.00 -7.57
N GLY A 641 -2.53 -15.69 -8.34
CA GLY A 641 -2.31 -16.33 -9.62
C GLY A 641 -3.01 -15.60 -10.75
N PRO A 642 -3.53 -16.35 -11.71
CA PRO A 642 -4.27 -15.75 -12.83
C PRO A 642 -5.66 -15.31 -12.41
N LEU A 643 -5.84 -14.00 -12.24
CA LEU A 643 -7.12 -13.45 -11.86
C LEU A 643 -8.00 -13.31 -13.10
N ARG A 644 -9.12 -14.01 -13.11
CA ARG A 644 -10.02 -14.01 -14.26
C ARG A 644 -10.90 -12.77 -14.27
N ALA A 645 -12.04 -12.85 -14.95
CA ALA A 645 -13.05 -11.81 -14.96
C ALA A 645 -14.26 -12.23 -14.12
N PRO A 646 -14.82 -11.32 -13.33
CA PRO A 646 -15.96 -11.68 -12.49
C PRO A 646 -17.25 -11.81 -13.30
N LYS A 647 -18.23 -12.45 -12.67
CA LYS A 647 -19.53 -12.61 -13.30
C LYS A 647 -20.24 -11.26 -13.42
N PRO A 648 -20.92 -11.00 -14.54
CA PRO A 648 -21.67 -9.75 -14.65
C PRO A 648 -22.73 -9.58 -13.58
N GLU A 649 -23.28 -10.67 -13.06
CA GLU A 649 -24.24 -10.57 -11.96
C GLU A 649 -23.56 -10.10 -10.68
N ASP A 650 -22.27 -10.38 -10.53
CA ASP A 650 -21.54 -9.96 -9.33
C ASP A 650 -21.19 -8.48 -9.40
N VAL A 651 -20.65 -8.02 -10.52
CA VAL A 651 -20.32 -6.60 -10.66
C VAL A 651 -21.59 -5.75 -10.65
N GLU A 652 -22.72 -6.32 -11.11
CA GLU A 652 -23.98 -5.60 -11.02
C GLU A 652 -24.43 -5.44 -9.57
N MET A 653 -24.28 -6.50 -8.77
CA MET A 653 -24.64 -6.43 -7.36
C MET A 653 -23.74 -5.45 -6.61
N MET A 654 -22.45 -5.42 -6.96
CA MET A 654 -21.52 -4.53 -6.27
C MET A 654 -21.77 -3.07 -6.60
N GLU A 655 -22.09 -2.77 -7.85
CA GLU A 655 -22.35 -1.38 -8.24
C GLU A 655 -23.66 -0.88 -7.65
N LYS A 656 -24.64 -1.77 -7.45
CA LYS A 656 -25.85 -1.36 -6.74
C LYS A 656 -25.56 -1.05 -5.29
N GLN A 657 -24.58 -1.72 -4.69
CA GLN A 657 -24.18 -1.40 -3.33
C GLN A 657 -23.46 -0.05 -3.27
N ARG A 658 -22.67 0.26 -4.30
CA ARG A 658 -21.99 1.55 -4.35
C ARG A 658 -23.01 2.68 -4.50
N GLN A 659 -24.04 2.48 -5.33
CA GLN A 659 -25.08 3.49 -5.48
C GLN A 659 -25.81 3.73 -4.17
N ARG A 660 -25.97 2.69 -3.36
CA ARG A 660 -26.74 2.79 -2.12
C ARG A 660 -25.94 3.39 -0.98
N LEU A 661 -24.61 3.42 -1.09
CA LEU A 661 -23.76 3.81 0.03
C LEU A 661 -22.83 4.98 -0.24
N GLN A 662 -22.58 5.34 -1.50
CA GLN A 662 -21.57 6.37 -1.78
C GLN A 662 -21.99 7.75 -1.32
N GLU A 663 -23.29 7.97 -1.05
CA GLU A 663 -23.72 9.25 -0.52
C GLU A 663 -23.33 9.41 0.94
N ARG A 664 -23.39 8.32 1.71
CA ARG A 664 -22.98 8.37 3.11
C ARG A 664 -21.47 8.24 3.24
N TRP A 665 -20.86 7.34 2.48
CA TRP A 665 -19.42 7.09 2.53
C TRP A 665 -18.83 7.56 1.19
N GLY A 666 -18.37 8.80 1.17
CA GLY A 666 -17.91 9.42 -0.07
C GLY A 666 -16.67 8.80 -0.67
N LEU A 667 -15.89 8.07 0.12
CA LEU A 667 -14.69 7.43 -0.41
C LEU A 667 -15.02 6.33 -1.42
N LEU A 668 -16.27 5.89 -1.50
CA LEU A 668 -16.68 4.92 -2.50
C LEU A 668 -16.80 5.52 -3.90
N ARG A 669 -16.80 6.85 -4.02
CA ARG A 669 -17.08 7.49 -5.30
C ARG A 669 -15.89 7.36 -6.24
N CYS A 670 -16.17 6.96 -7.49
CA CYS A 670 -15.18 6.94 -8.55
C CYS A 670 -15.67 7.68 -9.79
N THR A 671 -16.70 8.51 -9.64
CA THR A 671 -17.19 9.39 -10.69
C THR A 671 -17.51 10.74 -10.08
N VAL A 672 -17.79 11.72 -10.94
CA VAL A 672 -18.17 13.04 -10.48
C VAL A 672 -19.65 13.02 -10.11
N SER A 673 -20.00 13.70 -9.02
CA SER A 673 -21.37 13.72 -8.54
C SER A 673 -22.25 14.55 -9.47
N GLU A 674 -23.48 14.09 -9.69
CA GLU A 674 -24.44 14.83 -10.50
C GLU A 674 -25.07 15.92 -9.65
N SER A 675 -24.86 17.18 -10.03
CA SER A 675 -25.38 18.31 -9.28
C SER A 675 -26.80 18.62 -9.71
N TRP A 676 -27.63 18.98 -8.73
CA TRP A 676 -29.04 19.28 -8.98
C TRP A 676 -29.19 20.51 -9.88
C10 Q6P B . 11.92 19.30 -12.15
C11 Q6P B . 11.06 20.59 -11.95
C13 Q6P B . 11.18 23.04 -11.51
C14 Q6P B . 10.26 23.81 -12.51
C15 Q6P B . 10.88 25.13 -13.06
C01 Q6P B . 12.38 12.01 -9.31
C03 Q6P B . 12.43 14.16 -8.48
C04 Q6P B . 11.39 15.15 -9.16
C07 Q6P B . 12.30 15.94 -10.13
C08 Q6P B . 11.53 16.98 -10.98
C09 Q6P B . 12.07 18.43 -10.87
N12 Q6P B . 11.84 21.85 -12.13
N16 Q6P B . 10.96 25.13 -14.55
O02 Q6P B . 12.90 13.29 -9.46
O05 Q6P B . 10.79 15.93 -8.20
O06 Q6P B . 10.44 14.45 -9.90
ZN ZN C . 9.13 14.80 -8.14
P PO4 D . -7.20 16.99 -18.77
O1 PO4 D . -8.59 17.24 -18.25
O2 PO4 D . -6.55 15.92 -17.93
O3 PO4 D . -6.39 18.27 -18.67
O4 PO4 D . -7.27 16.54 -20.20
P PO4 E . -10.95 20.49 -13.29
O1 PO4 E . -11.76 20.75 -12.04
O2 PO4 E . -10.20 19.19 -13.14
O3 PO4 E . -9.97 21.62 -13.50
O4 PO4 E . -11.86 20.41 -14.49
P PO4 F . 9.21 5.90 16.57
O1 PO4 F . 8.64 4.89 17.53
O2 PO4 F . 8.11 6.82 16.09
O3 PO4 F . 10.29 6.70 17.26
O4 PO4 F . 9.81 5.18 15.38
K K G . 4.59 10.06 -10.49
K K H . 4.05 -0.38 -20.08
#